data_2EIW
#
_entry.id   2EIW
#
_cell.length_a   100.349
_cell.length_b   100.349
_cell.length_c   279.993
_cell.angle_alpha   90.00
_cell.angle_beta   90.00
_cell.angle_gamma   120.00
#
_symmetry.space_group_name_H-M   'H 3'
#
loop_
_entity.id
_entity.type
_entity.pdbx_description
1 polymer '1-pyrroline-5-carboxylate dehydrogenase'
2 non-polymer 'ACETATE ION'
3 non-polymer 'SODIUM ION'
4 non-polymer PROLINE
5 non-polymer (4S)-2-METHYL-2,4-PENTANEDIOL
6 water water
#
_entity_poly.entity_id   1
_entity_poly.type   'polypeptide(L)'
_entity_poly.pdbx_seq_one_letter_code
;MTVEPFRNEPIETFQTEEARRAMREALRRVREEFGRHYPLYIGGEWVDTKERMVSLNPSAPSEVVGTTAKAGKAEAEAAL
EAAWKAFKTWKDWPQEDRSRLLLKAAALMRRRKRELEATLVYEVGKNWVEASADVAEAIDFIEYYARAALRYRYPAVEVV
PYPGEDNESFYVPLGAGVVIAPWNFPVAIFTGMIVGPVAVGNTVIAKPAEDAVVVGAKVFEIFHEAGFPPGVVNFLPGVG
EEVGAYLVEHPRIRFINFTGSLEVGLKIYEAAGRLAPGQTWFKRAYVETGGKNAIIVDETADFDLAAEGVVVSAYGFQGQ
KCSAASRLILTQGAYEPVLERVLKRAERLSVGPAEENPDLGPVVSAEQERKVLSYIEIGKNEGQLVLGGKRLEGEGYFIA
PTVFTEVPPKARIAQEEIFGPVLSVIRVKDFAEALEVANDTPYGLTGGVYSRKREHLEWARREFHVGNLYFNRKITGALV
GVQPFGGFKLSGTNAKTGALDYLRLFLEMKAVAERF
;
_entity_poly.pdbx_strand_id   A,B
#
loop_
_chem_comp.id
_chem_comp.type
_chem_comp.name
_chem_comp.formula
ACT non-polymer 'ACETATE ION' 'C2 H3 O2 -1'
MPD non-polymer (4S)-2-METHYL-2,4-PENTANEDIOL 'C6 H14 O2'
NA non-polymer 'SODIUM ION' 'Na 1'
#
# COMPACT_ATOMS: atom_id res chain seq x y z
N MET A 1 8.26 -14.96 23.26
CA MET A 1 9.26 -16.01 22.86
C MET A 1 10.64 -15.38 22.63
N THR A 2 11.70 -16.01 23.17
CA THR A 2 13.05 -15.45 23.04
C THR A 2 14.00 -16.40 22.33
N VAL A 3 14.55 -15.92 21.23
CA VAL A 3 15.49 -16.67 20.40
C VAL A 3 16.76 -15.78 20.20
N GLU A 4 17.80 -16.34 19.61
CA GLU A 4 19.00 -15.55 19.32
C GLU A 4 18.65 -14.42 18.36
N PRO A 5 19.36 -13.28 18.45
CA PRO A 5 19.21 -12.21 17.44
C PRO A 5 19.43 -12.79 16.05
N PHE A 6 18.72 -12.25 15.07
CA PHE A 6 18.80 -12.75 13.68
C PHE A 6 20.24 -12.67 13.24
N ARG A 7 20.73 -13.73 12.59
CA ARG A 7 21.96 -13.65 11.79
C ARG A 7 21.64 -14.30 10.44
N ASN A 8 22.27 -13.84 9.36
CA ASN A 8 22.13 -14.54 8.06
C ASN A 8 22.74 -15.95 8.03
N GLU A 9 22.04 -16.85 7.36
CA GLU A 9 22.54 -18.21 7.14
C GLU A 9 23.79 -18.16 6.26
N PRO A 10 24.91 -18.74 6.74
CA PRO A 10 26.15 -18.65 5.95
C PRO A 10 25.97 -19.34 4.62
N ILE A 11 26.50 -18.71 3.58
CA ILE A 11 26.47 -19.25 2.23
C ILE A 11 27.68 -20.16 2.03
N GLU A 12 27.43 -21.42 1.71
CA GLU A 12 28.50 -22.40 1.50
C GLU A 12 29.28 -22.09 0.22
N THR A 13 30.61 -22.06 0.35
CA THR A 13 31.53 -21.85 -0.78
C THR A 13 32.17 -23.15 -1.27
N PHE A 14 31.99 -24.26 -0.52
CA PHE A 14 32.46 -25.59 -0.95
C PHE A 14 33.99 -25.64 -1.14
N GLN A 15 34.69 -24.91 -0.29
CA GLN A 15 36.14 -24.88 -0.32
C GLN A 15 36.76 -26.05 0.48
N THR A 16 36.17 -26.45 1.58
CA THR A 16 36.65 -27.61 2.34
C THR A 16 36.28 -28.93 1.66
N GLU A 17 37.03 -29.98 1.95
CA GLU A 17 36.74 -31.32 1.42
C GLU A 17 35.43 -31.82 2.01
N GLU A 18 35.22 -31.51 3.28
CA GLU A 18 33.98 -31.87 3.97
C GLU A 18 32.75 -31.37 3.20
N ALA A 19 32.79 -30.10 2.78
CA ALA A 19 31.63 -29.51 2.11
C ALA A 19 31.45 -30.10 0.70
N ARG A 20 32.55 -30.34 0.01
CA ARG A 20 32.45 -30.94 -1.33
C ARG A 20 31.95 -32.38 -1.28
N ARG A 21 32.46 -33.14 -0.32
CA ARG A 21 31.97 -34.50 -0.04
C ARG A 21 30.45 -34.53 0.19
N ALA A 22 29.97 -33.71 1.12
CA ALA A 22 28.53 -33.56 1.38
C ALA A 22 27.75 -33.13 0.14
N MET A 23 28.27 -32.16 -0.61
CA MET A 23 27.55 -31.72 -1.81
C MET A 23 27.52 -32.80 -2.91
N ARG A 24 28.64 -33.51 -3.09
CA ARG A 24 28.68 -34.60 -4.07
C ARG A 24 27.65 -35.69 -3.78
N GLU A 25 27.54 -36.09 -2.52
CA GLU A 25 26.50 -37.04 -2.10
C GLU A 25 25.07 -36.55 -2.31
N ALA A 26 24.83 -35.26 -2.03
CA ALA A 26 23.48 -34.69 -2.13
C ALA A 26 23.05 -34.68 -3.59
N LEU A 27 23.96 -34.25 -4.46
CA LEU A 27 23.70 -34.24 -5.91
C LEU A 27 23.50 -35.65 -6.46
N ARG A 28 24.36 -36.58 -6.07
CA ARG A 28 24.16 -37.98 -6.44
C ARG A 28 22.79 -38.52 -6.03
N ARG A 29 22.34 -38.20 -4.82
CA ARG A 29 21.07 -38.71 -4.33
C ARG A 29 19.88 -38.10 -5.05
N VAL A 30 19.93 -36.80 -5.29
CA VAL A 30 18.91 -36.16 -6.12
C VAL A 30 18.85 -36.74 -7.54
N ARG A 31 20.03 -36.88 -8.16
CA ARG A 31 20.12 -37.46 -9.52
C ARG A 31 19.49 -38.86 -9.51
N GLU A 32 19.80 -39.63 -8.47
CA GLU A 32 19.25 -41.00 -8.34
C GLU A 32 17.74 -41.04 -8.16
N GLU A 33 17.17 -39.92 -7.71
CA GLU A 33 15.73 -39.80 -7.46
C GLU A 33 14.98 -39.06 -8.59
N PHE A 34 15.63 -38.85 -9.73
CA PHE A 34 14.95 -38.25 -10.90
C PHE A 34 13.68 -39.05 -11.24
N GLY A 35 12.61 -38.35 -11.64
CA GLY A 35 11.36 -38.99 -12.07
C GLY A 35 10.26 -39.12 -11.02
N ARG A 36 10.56 -38.72 -9.79
CA ARG A 36 9.59 -38.71 -8.71
C ARG A 36 8.38 -37.82 -9.03
N HIS A 37 7.20 -38.20 -8.55
CA HIS A 37 5.97 -37.44 -8.80
C HIS A 37 5.48 -36.75 -7.53
N TYR A 38 5.11 -35.48 -7.66
CA TYR A 38 4.67 -34.70 -6.51
C TYR A 38 3.29 -34.15 -6.78
N PRO A 39 2.32 -34.53 -5.95
CA PRO A 39 0.95 -34.04 -6.09
C PRO A 39 0.79 -32.57 -5.68
N LEU A 40 -0.44 -32.07 -5.81
CA LEU A 40 -0.79 -30.75 -5.30
C LEU A 40 -0.84 -30.86 -3.79
N TYR A 41 -0.85 -29.73 -3.08
CA TYR A 41 -1.06 -29.80 -1.64
C TYR A 41 -2.20 -28.85 -1.32
N ILE A 42 -3.33 -29.40 -0.90
CA ILE A 42 -4.53 -28.61 -0.64
C ILE A 42 -5.13 -29.07 0.66
N GLY A 43 -5.37 -28.13 1.56
CA GLY A 43 -6.11 -28.41 2.76
C GLY A 43 -5.44 -29.48 3.59
N GLY A 44 -4.13 -29.40 3.70
CA GLY A 44 -3.37 -30.29 4.56
C GLY A 44 -3.09 -31.67 3.98
N GLU A 45 -3.41 -31.88 2.70
CA GLU A 45 -3.13 -33.19 2.12
C GLU A 45 -2.56 -33.09 0.72
N TRP A 46 -1.87 -34.15 0.31
CA TRP A 46 -1.38 -34.24 -1.04
C TRP A 46 -2.52 -34.79 -1.88
N VAL A 47 -2.79 -34.11 -3.00
CA VAL A 47 -3.94 -34.36 -3.85
C VAL A 47 -3.45 -34.49 -5.28
N ASP A 48 -3.64 -35.66 -5.89
CA ASP A 48 -3.08 -35.86 -7.23
C ASP A 48 -4.12 -35.55 -8.31
N THR A 49 -3.68 -35.41 -9.57
CA THR A 49 -4.57 -35.15 -10.70
C THR A 49 -4.28 -36.14 -11.83
N LYS A 50 -5.20 -36.21 -12.80
CA LYS A 50 -5.00 -37.03 -14.01
C LYS A 50 -3.90 -36.46 -14.88
N GLU A 51 -3.99 -35.16 -15.15
CA GLU A 51 -2.93 -34.49 -15.89
C GLU A 51 -1.69 -34.23 -15.00
N ARG A 52 -0.52 -34.17 -15.63
CA ARG A 52 0.73 -33.97 -14.92
C ARG A 52 1.61 -32.97 -15.68
N MET A 53 2.60 -32.43 -15.00
CA MET A 53 3.52 -31.46 -15.59
C MET A 53 4.91 -32.03 -15.44
N VAL A 54 5.75 -31.79 -16.42
CA VAL A 54 7.08 -32.40 -16.42
C VAL A 54 8.13 -31.31 -16.17
N SER A 55 9.07 -31.55 -15.26
CA SER A 55 10.17 -30.59 -15.01
C SER A 55 11.45 -31.18 -15.57
N LEU A 56 12.06 -30.49 -16.54
CA LEU A 56 13.27 -30.99 -17.20
C LEU A 56 14.54 -30.40 -16.58
N ASN A 57 15.66 -31.06 -16.81
CA ASN A 57 16.98 -30.58 -16.40
C ASN A 57 17.51 -29.67 -17.52
N PRO A 58 17.69 -28.35 -17.25
CA PRO A 58 18.12 -27.47 -18.36
C PRO A 58 19.54 -27.75 -18.86
N SER A 59 20.34 -28.45 -18.05
CA SER A 59 21.69 -28.84 -18.46
C SER A 59 21.70 -30.05 -19.37
N ALA A 60 20.56 -30.75 -19.43
CA ALA A 60 20.35 -32.00 -20.19
C ALA A 60 18.86 -32.30 -20.27
N PRO A 61 18.13 -31.53 -21.10
CA PRO A 61 16.67 -31.55 -21.12
C PRO A 61 15.98 -32.85 -21.55
N SER A 62 16.73 -33.87 -21.95
CA SER A 62 16.10 -35.18 -22.17
C SER A 62 15.84 -35.83 -20.82
N GLU A 63 16.51 -35.33 -19.78
CA GLU A 63 16.29 -35.83 -18.42
C GLU A 63 15.14 -35.12 -17.70
N VAL A 64 14.21 -35.93 -17.20
CA VAL A 64 13.11 -35.45 -16.38
C VAL A 64 13.53 -35.46 -14.90
N VAL A 65 13.57 -34.28 -14.28
CA VAL A 65 13.93 -34.18 -12.87
C VAL A 65 12.77 -34.74 -12.03
N GLY A 66 11.56 -34.34 -12.38
CA GLY A 66 10.40 -34.96 -11.75
C GLY A 66 9.15 -34.50 -12.44
N THR A 67 8.01 -35.04 -11.99
CA THR A 67 6.71 -34.56 -12.46
C THR A 67 5.88 -34.11 -11.27
N THR A 68 4.85 -33.30 -11.56
CA THR A 68 3.88 -32.87 -10.55
C THR A 68 2.49 -33.03 -11.12
N ALA A 69 1.49 -33.06 -10.25
CA ALA A 69 0.09 -32.85 -10.63
C ALA A 69 -0.12 -31.46 -11.24
N LYS A 70 -1.24 -31.29 -11.92
CA LYS A 70 -1.50 -30.06 -12.63
C LYS A 70 -2.84 -29.50 -12.16
N ALA A 71 -2.84 -28.30 -11.59
CA ALA A 71 -4.07 -27.67 -11.09
C ALA A 71 -4.82 -26.95 -12.20
N GLY A 72 -6.16 -27.06 -12.14
CA GLY A 72 -7.05 -26.26 -12.96
C GLY A 72 -7.90 -25.40 -12.06
N LYS A 73 -8.92 -24.77 -12.64
CA LYS A 73 -9.81 -23.88 -11.89
C LYS A 73 -10.47 -24.62 -10.72
N ALA A 74 -10.83 -25.89 -10.92
CA ALA A 74 -11.52 -26.64 -9.85
C ALA A 74 -10.66 -26.75 -8.59
N GLU A 75 -9.37 -27.03 -8.80
CA GLU A 75 -8.40 -27.24 -7.72
C GLU A 75 -8.08 -25.90 -7.09
N ALA A 76 -8.02 -24.86 -7.93
CA ALA A 76 -7.85 -23.49 -7.43
C ALA A 76 -9.02 -23.06 -6.51
N GLU A 77 -10.26 -23.34 -6.92
CA GLU A 77 -11.43 -23.07 -6.07
C GLU A 77 -11.42 -23.87 -4.76
N ALA A 78 -11.07 -25.15 -4.83
CA ALA A 78 -10.94 -26.00 -3.62
C ALA A 78 -9.88 -25.46 -2.63
N ALA A 79 -8.75 -25.01 -3.17
CA ALA A 79 -7.69 -24.41 -2.35
C ALA A 79 -8.18 -23.10 -1.72
N LEU A 80 -8.94 -22.31 -2.46
CA LEU A 80 -9.49 -21.04 -1.92
C LEU A 80 -10.45 -21.30 -0.77
N GLU A 81 -11.33 -22.28 -0.93
CA GLU A 81 -12.24 -22.69 0.15
C GLU A 81 -11.48 -23.18 1.37
N ALA A 82 -10.45 -23.99 1.14
CA ALA A 82 -9.62 -24.51 2.20
C ALA A 82 -8.87 -23.35 2.88
N ALA A 83 -8.34 -22.42 2.08
CA ALA A 83 -7.63 -21.27 2.66
C ALA A 83 -8.49 -20.36 3.51
N TRP A 84 -9.72 -20.08 3.06
CA TRP A 84 -10.64 -19.26 3.87
C TRP A 84 -11.11 -19.98 5.13
N LYS A 85 -11.31 -21.28 5.04
CA LYS A 85 -11.72 -22.09 6.19
C LYS A 85 -10.60 -22.03 7.25
N ALA A 86 -9.37 -22.27 6.81
CA ALA A 86 -8.18 -22.15 7.68
C ALA A 86 -8.02 -20.76 8.29
N PHE A 87 -8.30 -19.73 7.51
CA PHE A 87 -8.06 -18.36 7.99
C PHE A 87 -8.91 -18.08 9.23
N LYS A 88 -10.12 -18.61 9.25
CA LYS A 88 -11.02 -18.35 10.36
C LYS A 88 -10.38 -18.59 11.72
N THR A 89 -9.55 -19.64 11.81
CA THR A 89 -8.87 -19.96 13.07
C THR A 89 -7.40 -19.58 13.11
N TRP A 90 -6.72 -19.62 11.96
CA TRP A 90 -5.29 -19.26 11.89
C TRP A 90 -5.03 -17.81 12.30
N LYS A 91 -5.97 -16.94 11.99
CA LYS A 91 -5.90 -15.51 12.36
C LYS A 91 -5.87 -15.34 13.87
N ASP A 92 -6.44 -16.30 14.61
CA ASP A 92 -6.57 -16.19 16.07
C ASP A 92 -5.46 -16.86 16.87
N TRP A 93 -4.52 -17.50 16.21
CA TRP A 93 -3.35 -18.07 16.90
C TRP A 93 -2.55 -16.93 17.50
N PRO A 94 -2.07 -17.07 18.75
CA PRO A 94 -1.15 -16.06 19.26
C PRO A 94 0.01 -15.91 18.29
N GLN A 95 0.51 -14.69 18.11
CA GLN A 95 1.64 -14.49 17.19
C GLN A 95 2.86 -15.37 17.56
N GLU A 96 3.12 -15.53 18.86
CA GLU A 96 4.22 -16.39 19.31
C GLU A 96 4.10 -17.78 18.75
N ASP A 97 2.87 -18.32 18.76
CA ASP A 97 2.58 -19.64 18.21
C ASP A 97 2.88 -19.70 16.69
N ARG A 98 2.41 -18.70 15.94
CA ARG A 98 2.69 -18.63 14.50
C ARG A 98 4.19 -18.54 14.24
N SER A 99 4.88 -17.67 14.99
CA SER A 99 6.31 -17.49 14.80
C SER A 99 7.11 -18.77 15.15
N ARG A 100 6.72 -19.50 16.19
CA ARG A 100 7.37 -20.75 16.49
C ARG A 100 7.19 -21.76 15.33
N LEU A 101 6.01 -21.76 14.70
CA LEU A 101 5.81 -22.64 13.55
C LEU A 101 6.79 -22.30 12.43
N LEU A 102 6.96 -21.01 12.14
CA LEU A 102 7.95 -20.61 11.15
C LEU A 102 9.36 -21.05 11.58
N LEU A 103 9.73 -20.86 12.85
CA LEU A 103 11.07 -21.30 13.29
C LEU A 103 11.30 -22.82 13.12
N LYS A 104 10.26 -23.61 13.34
CA LYS A 104 10.30 -25.06 13.07
C LYS A 104 10.57 -25.31 11.57
N ALA A 105 9.80 -24.65 10.70
CA ALA A 105 9.99 -24.78 9.26
C ALA A 105 11.43 -24.44 8.86
N ALA A 106 11.97 -23.37 9.45
CA ALA A 106 13.35 -22.99 9.14
C ALA A 106 14.35 -24.08 9.53
N ALA A 107 14.16 -24.68 10.70
CA ALA A 107 15.06 -25.71 11.20
C ALA A 107 15.02 -26.94 10.28
N LEU A 108 13.83 -27.30 9.84
CA LEU A 108 13.68 -28.44 8.94
C LEU A 108 14.34 -28.12 7.60
N MET A 109 14.19 -26.89 7.14
CA MET A 109 14.80 -26.51 5.86
C MET A 109 16.32 -26.54 5.96
N ARG A 110 16.86 -25.98 7.06
CA ARG A 110 18.30 -26.04 7.31
C ARG A 110 18.86 -27.46 7.27
N ARG A 111 18.12 -28.41 7.87
CA ARG A 111 18.52 -29.80 7.89
C ARG A 111 18.48 -30.45 6.50
N ARG A 112 17.66 -29.92 5.59
CA ARG A 112 17.54 -30.44 4.23
C ARG A 112 18.28 -29.60 3.22
N LYS A 113 19.23 -28.80 3.71
CA LYS A 113 19.80 -27.76 2.90
C LYS A 113 20.58 -28.30 1.69
N ARG A 114 21.43 -29.30 1.86
CA ARG A 114 22.23 -29.79 0.70
C ARG A 114 21.30 -30.41 -0.35
N GLU A 115 20.30 -31.15 0.10
CA GLU A 115 19.31 -31.70 -0.82
C GLU A 115 18.60 -30.60 -1.62
N LEU A 116 18.13 -29.56 -0.93
CA LEU A 116 17.49 -28.43 -1.64
C LEU A 116 18.45 -27.76 -2.61
N GLU A 117 19.70 -27.54 -2.21
CA GLU A 117 20.69 -26.93 -3.11
C GLU A 117 20.89 -27.81 -4.36
N ALA A 118 21.00 -29.13 -4.15
CA ALA A 118 21.19 -30.09 -5.26
C ALA A 118 20.00 -30.10 -6.22
N THR A 119 18.81 -29.92 -5.67
CA THR A 119 17.58 -29.88 -6.48
C THR A 119 17.57 -28.64 -7.39
N LEU A 120 18.01 -27.49 -6.85
CA LEU A 120 18.19 -26.26 -7.63
C LEU A 120 19.21 -26.45 -8.77
N VAL A 121 20.35 -27.07 -8.44
CA VAL A 121 21.38 -27.36 -9.46
C VAL A 121 20.74 -28.07 -10.66
N TYR A 122 20.01 -29.13 -10.40
CA TYR A 122 19.41 -29.94 -11.47
C TYR A 122 18.16 -29.37 -12.09
N GLU A 123 17.29 -28.79 -11.27
CA GLU A 123 16.01 -28.36 -11.83
C GLU A 123 16.10 -26.99 -12.51
N VAL A 124 16.94 -26.09 -12.00
CA VAL A 124 17.03 -24.76 -12.62
C VAL A 124 18.42 -24.32 -13.08
N GLY A 125 19.39 -25.21 -13.02
CA GLY A 125 20.71 -24.94 -13.55
C GLY A 125 21.57 -23.93 -12.81
N LYS A 126 21.42 -23.88 -11.49
CA LYS A 126 22.31 -23.06 -10.67
C LYS A 126 23.58 -23.79 -10.39
N ASN A 127 24.71 -23.08 -10.41
CA ASN A 127 25.91 -23.72 -9.94
C ASN A 127 25.82 -23.89 -8.40
N TRP A 128 26.87 -24.43 -7.80
CA TRP A 128 26.79 -24.83 -6.39
C TRP A 128 26.59 -23.64 -5.46
N VAL A 129 27.39 -22.59 -5.62
CA VAL A 129 27.28 -21.42 -4.75
C VAL A 129 25.98 -20.63 -4.98
N GLU A 130 25.55 -20.50 -6.23
CA GLU A 130 24.23 -19.89 -6.51
C GLU A 130 23.10 -20.67 -5.82
N ALA A 131 23.15 -22.01 -5.90
CA ALA A 131 22.19 -22.86 -5.20
C ALA A 131 22.23 -22.64 -3.67
N SER A 132 23.43 -22.57 -3.08
CA SER A 132 23.54 -22.40 -1.64
C SER A 132 23.05 -21.02 -1.19
N ALA A 133 23.35 -19.96 -1.97
CA ALA A 133 22.86 -18.60 -1.65
C ALA A 133 21.32 -18.61 -1.63
N ASP A 134 20.72 -19.33 -2.57
CA ASP A 134 19.27 -19.36 -2.76
C ASP A 134 18.61 -20.03 -1.54
N VAL A 135 19.11 -21.21 -1.16
CA VAL A 135 18.54 -21.89 0.00
C VAL A 135 18.82 -21.09 1.31
N ALA A 136 20.00 -20.51 1.43
CA ALA A 136 20.30 -19.70 2.60
C ALA A 136 19.36 -18.51 2.69
N GLU A 137 19.03 -17.91 1.56
CA GLU A 137 18.10 -16.79 1.51
C GLU A 137 16.72 -17.21 1.99
N ALA A 138 16.28 -18.42 1.61
CA ALA A 138 15.00 -18.91 2.04
C ALA A 138 14.91 -19.07 3.54
N ILE A 139 15.93 -19.74 4.10
CA ILE A 139 16.06 -19.91 5.56
C ILE A 139 16.02 -18.52 6.22
N ASP A 140 16.73 -17.55 5.64
CA ASP A 140 16.76 -16.18 6.19
C ASP A 140 15.38 -15.55 6.20
N PHE A 141 14.60 -15.72 5.13
CA PHE A 141 13.25 -15.13 5.11
C PHE A 141 12.44 -15.69 6.27
N ILE A 142 12.52 -17.00 6.48
CA ILE A 142 11.70 -17.65 7.50
C ILE A 142 12.11 -17.10 8.89
N GLU A 143 13.40 -17.16 9.15
CA GLU A 143 13.97 -16.68 10.43
C GLU A 143 13.67 -15.21 10.67
N TYR A 144 13.83 -14.39 9.63
CA TYR A 144 13.60 -12.96 9.73
C TYR A 144 12.13 -12.65 10.01
N TYR A 145 11.24 -13.20 9.16
CA TYR A 145 9.81 -12.90 9.27
C TYR A 145 9.22 -13.43 10.59
N ALA A 146 9.76 -14.53 11.09
CA ALA A 146 9.22 -15.06 12.35
C ALA A 146 9.44 -14.05 13.49
N ARG A 147 10.61 -13.40 13.47
CA ARG A 147 10.95 -12.36 14.43
C ARG A 147 10.26 -11.03 14.13
N ALA A 148 10.29 -10.61 12.86
CA ALA A 148 9.62 -9.35 12.47
C ALA A 148 8.14 -9.33 12.87
N ALA A 149 7.45 -10.47 12.67
CA ALA A 149 6.04 -10.60 13.01
C ALA A 149 5.71 -10.26 14.46
N LEU A 150 6.64 -10.53 15.38
CA LEU A 150 6.36 -10.28 16.79
C LEU A 150 6.29 -8.78 17.07
N ARG A 151 6.90 -7.98 16.20
CA ARG A 151 6.91 -6.52 16.36
C ARG A 151 5.55 -5.91 16.08
N TYR A 152 4.70 -6.69 15.40
CA TYR A 152 3.34 -6.31 15.12
C TYR A 152 2.28 -6.90 16.09
N ARG A 153 2.70 -7.60 17.14
CA ARG A 153 1.75 -8.34 17.97
C ARG A 153 0.78 -7.44 18.82
N TYR A 154 -0.40 -7.99 19.09
CA TYR A 154 -1.47 -7.28 19.78
C TYR A 154 -1.02 -6.68 21.12
N PRO A 155 -1.36 -5.39 21.39
CA PRO A 155 -1.78 -4.35 20.44
C PRO A 155 -0.59 -3.42 20.12
N ALA A 156 -0.20 -3.36 18.86
CA ALA A 156 1.14 -2.84 18.54
C ALA A 156 1.20 -1.36 18.25
N VAL A 157 0.03 -0.73 18.06
CA VAL A 157 0.00 0.65 17.52
C VAL A 157 0.12 1.69 18.61
N GLU A 158 1.00 2.67 18.38
CA GLU A 158 1.27 3.76 19.30
C GLU A 158 0.19 4.81 19.11
N VAL A 159 -0.63 5.01 20.13
CA VAL A 159 -1.70 6.03 20.03
C VAL A 159 -1.64 7.02 21.18
N VAL A 160 -2.33 8.15 20.99
CA VAL A 160 -2.44 9.23 21.96
C VAL A 160 -3.62 8.89 22.90
N PRO A 161 -3.38 8.90 24.24
CA PRO A 161 -4.47 8.65 25.19
C PRO A 161 -5.57 9.73 25.22
N TYR A 162 -6.73 9.38 25.75
CA TYR A 162 -7.83 10.33 25.92
C TYR A 162 -8.47 10.04 27.27
N PRO A 163 -8.85 11.11 28.03
CA PRO A 163 -9.39 10.88 29.38
C PRO A 163 -10.63 10.02 29.40
N GLY A 164 -10.71 9.12 30.37
CA GLY A 164 -11.91 8.31 30.58
C GLY A 164 -12.11 7.15 29.62
N GLU A 165 -11.10 6.86 28.81
CA GLU A 165 -11.18 5.85 27.74
C GLU A 165 -9.91 5.05 27.61
N ASP A 166 -10.10 3.81 27.20
CA ASP A 166 -9.03 3.01 26.61
C ASP A 166 -9.16 3.14 25.10
N ASN A 167 -8.07 3.46 24.45
CA ASN A 167 -7.99 3.46 22.99
C ASN A 167 -6.93 2.47 22.59
N GLU A 168 -7.34 1.47 21.83
CA GLU A 168 -6.42 0.37 21.52
C GLU A 168 -6.44 0.13 20.01
N SER A 169 -5.32 0.39 19.35
CA SER A 169 -5.18 0.05 17.94
C SER A 169 -4.28 -1.18 17.75
N PHE A 170 -4.69 -2.06 16.85
CA PHE A 170 -3.95 -3.30 16.66
C PHE A 170 -4.11 -3.81 15.26
N TYR A 171 -3.19 -4.66 14.82
CA TYR A 171 -3.21 -5.16 13.44
C TYR A 171 -3.93 -6.48 13.35
N VAL A 172 -4.58 -6.69 12.21
CA VAL A 172 -5.20 -7.99 11.93
C VAL A 172 -4.80 -8.43 10.52
N PRO A 173 -4.72 -9.75 10.30
CA PRO A 173 -4.40 -10.19 8.93
C PRO A 173 -5.56 -9.91 7.96
N LEU A 174 -5.31 -10.01 6.66
CA LEU A 174 -6.30 -9.66 5.64
C LEU A 174 -7.20 -10.83 5.28
N GLY A 175 -6.60 -12.02 5.12
CA GLY A 175 -7.40 -13.17 4.70
C GLY A 175 -6.61 -14.14 3.86
N ALA A 176 -7.29 -14.73 2.87
CA ALA A 176 -6.68 -15.66 1.92
C ALA A 176 -6.23 -14.93 0.64
N GLY A 177 -4.99 -15.20 0.23
CA GLY A 177 -4.46 -14.59 -0.99
C GLY A 177 -3.65 -15.58 -1.81
N VAL A 178 -3.19 -15.11 -2.96
CA VAL A 178 -2.42 -15.92 -3.91
C VAL A 178 -1.02 -15.40 -4.08
N VAL A 179 -0.07 -16.32 -4.10
CA VAL A 179 1.34 -16.06 -4.36
C VAL A 179 1.68 -16.63 -5.72
N ILE A 180 2.29 -15.81 -6.56
CA ILE A 180 2.72 -16.25 -7.88
C ILE A 180 4.22 -16.05 -7.91
N ALA A 181 4.96 -17.15 -7.88
CA ALA A 181 6.40 -17.09 -7.65
C ALA A 181 7.23 -17.30 -8.91
N PRO A 182 8.50 -16.84 -8.89
CA PRO A 182 9.38 -16.93 -10.03
C PRO A 182 10.19 -18.22 -10.07
N TRP A 183 10.81 -18.49 -11.23
CA TRP A 183 11.68 -19.65 -11.40
C TRP A 183 13.14 -19.43 -11.02
N ASN A 184 13.58 -18.17 -10.98
CA ASN A 184 14.98 -17.86 -10.72
C ASN A 184 15.48 -17.93 -9.28
N PHE A 185 14.57 -17.71 -8.31
CA PHE A 185 14.85 -18.01 -6.90
C PHE A 185 13.68 -18.84 -6.38
N PRO A 186 13.59 -20.11 -6.82
CA PRO A 186 12.34 -20.82 -6.53
C PRO A 186 12.31 -21.54 -5.19
N VAL A 187 13.37 -21.39 -4.40
CA VAL A 187 13.33 -21.72 -2.97
C VAL A 187 13.19 -20.40 -2.19
N ALA A 188 14.16 -19.51 -2.36
CA ALA A 188 14.22 -18.25 -1.63
C ALA A 188 12.95 -17.39 -1.76
N ILE A 189 12.64 -16.94 -2.99
CA ILE A 189 11.52 -15.99 -3.19
C ILE A 189 10.15 -16.67 -2.99
N PHE A 190 10.05 -17.90 -3.44
CA PHE A 190 8.88 -18.75 -3.23
C PHE A 190 8.60 -18.78 -1.74
N THR A 191 9.62 -19.10 -0.95
CA THR A 191 9.44 -19.22 0.52
C THR A 191 9.06 -17.89 1.17
N GLY A 192 9.81 -16.85 0.86
CA GLY A 192 9.59 -15.53 1.47
C GLY A 192 8.22 -14.97 1.14
N MET A 193 7.77 -15.15 -0.11
CA MET A 193 6.50 -14.55 -0.50
C MET A 193 5.31 -15.22 0.16
N ILE A 194 5.48 -16.50 0.48
CA ILE A 194 4.46 -17.27 1.21
C ILE A 194 4.50 -17.03 2.72
N VAL A 195 5.68 -17.15 3.32
CA VAL A 195 5.74 -17.16 4.82
C VAL A 195 5.56 -15.78 5.42
N GLY A 196 5.89 -14.73 4.67
CA GLY A 196 5.66 -13.35 5.14
C GLY A 196 4.18 -13.11 5.47
N PRO A 197 3.29 -13.19 4.47
CA PRO A 197 1.84 -13.14 4.76
C PRO A 197 1.38 -14.13 5.83
N VAL A 198 1.79 -15.40 5.71
CA VAL A 198 1.35 -16.45 6.63
C VAL A 198 1.74 -16.13 8.11
N ALA A 199 2.93 -15.56 8.31
CA ALA A 199 3.46 -15.34 9.67
C ALA A 199 2.49 -14.49 10.48
N VAL A 200 1.86 -13.50 9.85
CA VAL A 200 1.00 -12.57 10.57
C VAL A 200 -0.49 -12.93 10.53
N GLY A 201 -0.81 -14.07 9.91
CA GLY A 201 -2.14 -14.66 10.10
C GLY A 201 -2.96 -14.80 8.82
N ASN A 202 -2.36 -14.45 7.68
CA ASN A 202 -2.99 -14.74 6.40
C ASN A 202 -2.86 -16.20 6.01
N THR A 203 -3.62 -16.57 4.98
CA THR A 203 -3.51 -17.89 4.35
C THR A 203 -3.21 -17.70 2.87
N VAL A 204 -2.53 -18.67 2.27
CA VAL A 204 -1.91 -18.49 0.96
C VAL A 204 -2.14 -19.71 0.06
N ILE A 205 -2.41 -19.41 -1.20
CA ILE A 205 -2.42 -20.40 -2.27
C ILE A 205 -1.24 -20.02 -3.17
N ALA A 206 -0.29 -20.92 -3.34
CA ALA A 206 0.97 -20.59 -4.01
C ALA A 206 1.07 -21.34 -5.34
N LYS A 207 1.28 -20.57 -6.39
CA LYS A 207 1.53 -21.10 -7.73
C LYS A 207 3.02 -20.99 -8.02
N PRO A 208 3.73 -22.13 -8.02
CA PRO A 208 5.16 -22.09 -8.38
C PRO A 208 5.31 -21.82 -9.87
N ALA A 209 6.49 -21.32 -10.26
CA ALA A 209 6.81 -21.18 -11.67
C ALA A 209 6.93 -22.59 -12.28
N GLU A 210 6.45 -22.77 -13.52
CA GLU A 210 6.42 -24.08 -14.17
C GLU A 210 7.78 -24.75 -14.22
N ASP A 211 8.85 -23.98 -14.40
CA ASP A 211 10.20 -24.55 -14.51
C ASP A 211 10.75 -25.04 -13.17
N ALA A 212 10.05 -24.78 -12.07
CA ALA A 212 10.58 -25.05 -10.74
C ALA A 212 9.57 -25.72 -9.80
N VAL A 213 8.70 -26.57 -10.34
CA VAL A 213 7.63 -27.20 -9.57
C VAL A 213 8.13 -28.24 -8.55
N VAL A 214 9.23 -28.91 -8.87
CA VAL A 214 9.76 -29.98 -7.98
C VAL A 214 10.32 -29.36 -6.71
N VAL A 215 11.13 -28.34 -6.85
CA VAL A 215 11.71 -27.74 -5.66
C VAL A 215 10.63 -27.04 -4.82
N GLY A 216 9.61 -26.49 -5.48
CA GLY A 216 8.46 -25.89 -4.80
C GLY A 216 7.76 -26.97 -3.99
N ALA A 217 7.67 -28.17 -4.56
CA ALA A 217 7.01 -29.28 -3.86
C ALA A 217 7.80 -29.69 -2.63
N LYS A 218 9.14 -29.67 -2.72
CA LYS A 218 9.97 -30.04 -1.56
C LYS A 218 9.87 -29.01 -0.44
N VAL A 219 9.73 -27.74 -0.80
CA VAL A 219 9.40 -26.71 0.20
C VAL A 219 8.08 -27.06 0.87
N PHE A 220 7.10 -27.51 0.10
CA PHE A 220 5.83 -27.89 0.70
C PHE A 220 5.91 -29.17 1.55
N GLU A 221 6.85 -30.07 1.27
CA GLU A 221 7.06 -31.21 2.18
C GLU A 221 7.53 -30.67 3.53
N ILE A 222 8.35 -29.61 3.47
CA ILE A 222 8.81 -28.96 4.71
C ILE A 222 7.67 -28.28 5.46
N PHE A 223 6.79 -27.58 4.75
CA PHE A 223 5.62 -26.95 5.41
C PHE A 223 4.79 -28.00 6.10
N HIS A 224 4.58 -29.12 5.42
CA HIS A 224 3.74 -30.20 5.94
C HIS A 224 4.34 -30.81 7.20
N GLU A 225 5.62 -31.16 7.13
CA GLU A 225 6.29 -31.75 8.30
C GLU A 225 6.31 -30.79 9.49
N ALA A 226 6.43 -29.50 9.21
CA ALA A 226 6.45 -28.46 10.26
C ALA A 226 5.10 -28.40 10.97
N GLY A 227 4.04 -28.64 10.20
CA GLY A 227 2.72 -28.77 10.78
C GLY A 227 1.83 -27.54 10.68
N PHE A 228 1.95 -26.79 9.59
CA PHE A 228 0.96 -25.75 9.33
C PHE A 228 -0.40 -26.44 9.26
N PRO A 229 -1.43 -25.88 9.94
CA PRO A 229 -2.78 -26.47 9.90
C PRO A 229 -3.35 -26.53 8.48
N PRO A 230 -4.29 -27.47 8.21
CA PRO A 230 -4.84 -27.64 6.88
C PRO A 230 -5.37 -26.34 6.32
N GLY A 231 -5.00 -26.04 5.08
CA GLY A 231 -5.53 -24.89 4.38
C GLY A 231 -4.66 -23.64 4.50
N VAL A 232 -3.78 -23.60 5.51
CA VAL A 232 -2.98 -22.37 5.76
C VAL A 232 -2.02 -22.10 4.59
N VAL A 233 -1.40 -23.16 4.05
CA VAL A 233 -0.57 -23.06 2.85
C VAL A 233 -0.97 -24.14 1.83
N ASN A 234 -1.04 -23.75 0.56
CA ASN A 234 -1.56 -24.61 -0.51
C ASN A 234 -0.70 -24.45 -1.74
N PHE A 235 -0.47 -25.55 -2.44
CA PHE A 235 0.53 -25.64 -3.53
C PHE A 235 -0.16 -26.11 -4.80
N LEU A 236 -0.17 -25.24 -5.81
CA LEU A 236 -0.96 -25.43 -7.03
C LEU A 236 -0.08 -25.18 -8.25
N PRO A 237 0.83 -26.11 -8.56
CA PRO A 237 1.49 -26.03 -9.86
C PRO A 237 0.47 -26.10 -11.01
N GLY A 238 0.77 -25.46 -12.12
CA GLY A 238 -0.16 -25.41 -13.24
C GLY A 238 0.56 -24.85 -14.46
N VAL A 239 -0.03 -25.08 -15.64
CA VAL A 239 0.56 -24.70 -16.93
C VAL A 239 -0.12 -23.45 -17.47
N GLY A 240 0.68 -22.50 -17.91
CA GLY A 240 0.13 -21.24 -18.43
C GLY A 240 -0.68 -20.46 -17.40
N GLU A 241 -1.65 -19.70 -17.89
CA GLU A 241 -2.23 -18.61 -17.11
C GLU A 241 -3.52 -18.95 -16.37
N GLU A 242 -4.10 -20.11 -16.64
CA GLU A 242 -5.40 -20.51 -16.07
C GLU A 242 -5.53 -20.30 -14.56
N VAL A 243 -4.64 -20.91 -13.80
CA VAL A 243 -4.71 -20.88 -12.32
C VAL A 243 -4.49 -19.46 -11.79
N GLY A 244 -3.39 -18.82 -12.22
CA GLY A 244 -3.09 -17.44 -11.80
C GLY A 244 -4.17 -16.46 -12.17
N ALA A 245 -4.65 -16.53 -13.41
CA ALA A 245 -5.75 -15.66 -13.87
C ALA A 245 -7.03 -15.85 -13.05
N TYR A 246 -7.43 -17.11 -12.87
CA TYR A 246 -8.62 -17.45 -12.10
C TYR A 246 -8.57 -16.84 -10.70
N LEU A 247 -7.42 -16.95 -10.03
CA LEU A 247 -7.27 -16.42 -8.66
C LEU A 247 -7.10 -14.90 -8.60
N VAL A 248 -6.26 -14.34 -9.47
CA VAL A 248 -6.09 -12.89 -9.53
C VAL A 248 -7.40 -12.14 -9.71
N GLU A 249 -8.28 -12.69 -10.56
CA GLU A 249 -9.56 -12.06 -10.88
C GLU A 249 -10.72 -12.45 -9.97
N HIS A 250 -10.46 -13.33 -9.00
CA HIS A 250 -11.52 -13.93 -8.19
C HIS A 250 -12.06 -12.91 -7.19
N PRO A 251 -13.40 -12.79 -7.06
CA PRO A 251 -13.91 -11.83 -6.06
C PRO A 251 -13.54 -12.16 -4.63
N ARG A 252 -13.18 -13.42 -4.36
CA ARG A 252 -12.86 -13.81 -2.97
C ARG A 252 -11.34 -13.98 -2.70
N ILE A 253 -10.52 -13.44 -3.59
CA ILE A 253 -9.07 -13.39 -3.34
C ILE A 253 -8.75 -12.03 -2.73
N ARG A 254 -8.07 -12.00 -1.58
CA ARG A 254 -7.94 -10.78 -0.81
C ARG A 254 -6.73 -9.97 -1.23
N PHE A 255 -5.66 -10.68 -1.61
CA PHE A 255 -4.39 -10.05 -1.97
C PHE A 255 -3.64 -10.95 -2.94
N ILE A 256 -2.78 -10.33 -3.74
CA ILE A 256 -1.93 -11.01 -4.68
C ILE A 256 -0.48 -10.57 -4.41
N ASN A 257 0.42 -11.54 -4.24
CA ASN A 257 1.86 -11.31 -4.09
C ASN A 257 2.55 -11.92 -5.31
N PHE A 258 3.14 -11.07 -6.13
CA PHE A 258 3.72 -11.48 -7.41
C PHE A 258 5.15 -11.03 -7.55
N THR A 259 6.00 -11.95 -7.98
CA THR A 259 7.32 -11.62 -8.48
C THR A 259 7.53 -12.26 -9.86
N GLY A 260 7.87 -11.44 -10.84
CA GLY A 260 8.04 -11.94 -12.21
C GLY A 260 8.25 -10.84 -13.23
N SER A 261 7.81 -11.08 -14.46
CA SER A 261 8.05 -10.14 -15.57
C SER A 261 7.15 -8.91 -15.45
N LEU A 262 7.60 -7.78 -15.99
CA LEU A 262 6.77 -6.59 -16.04
C LEU A 262 5.45 -6.82 -16.82
N GLU A 263 5.52 -7.55 -17.92
CA GLU A 263 4.30 -7.77 -18.69
C GLU A 263 3.18 -8.36 -17.82
N VAL A 264 3.53 -9.37 -17.04
CA VAL A 264 2.54 -10.06 -16.24
C VAL A 264 2.17 -9.17 -15.05
N GLY A 265 3.18 -8.55 -14.44
CA GLY A 265 2.91 -7.64 -13.32
C GLY A 265 1.95 -6.52 -13.67
N LEU A 266 2.04 -5.97 -14.87
CA LEU A 266 1.11 -4.90 -15.25
C LEU A 266 -0.32 -5.39 -15.31
N LYS A 267 -0.52 -6.56 -15.90
CA LYS A 267 -1.86 -7.11 -16.00
C LYS A 267 -2.43 -7.44 -14.64
N ILE A 268 -1.59 -7.89 -13.73
CA ILE A 268 -2.06 -8.23 -12.39
C ILE A 268 -2.51 -6.97 -11.68
N TYR A 269 -1.70 -5.93 -11.74
CA TYR A 269 -2.03 -4.69 -11.07
C TYR A 269 -3.32 -4.07 -11.62
N GLU A 270 -3.49 -4.12 -12.93
CA GLU A 270 -4.72 -3.64 -13.52
C GLU A 270 -5.94 -4.46 -13.04
N ALA A 271 -5.81 -5.79 -13.02
CA ALA A 271 -6.89 -6.68 -12.59
C ALA A 271 -7.28 -6.49 -11.11
N ALA A 272 -6.26 -6.34 -10.25
CA ALA A 272 -6.47 -6.07 -8.83
C ALA A 272 -7.20 -4.75 -8.56
N GLY A 273 -7.09 -3.84 -9.52
CA GLY A 273 -7.76 -2.53 -9.40
C GLY A 273 -9.25 -2.58 -9.66
N ARG A 274 -9.73 -3.72 -10.20
CA ARG A 274 -11.13 -3.88 -10.60
C ARG A 274 -11.95 -4.57 -9.50
N LEU A 275 -13.22 -4.20 -9.38
CA LEU A 275 -14.14 -4.89 -8.48
C LEU A 275 -14.87 -6.00 -9.23
N ALA A 276 -14.46 -7.24 -8.98
CA ALA A 276 -15.09 -8.40 -9.62
C ALA A 276 -16.51 -8.55 -9.09
N PRO A 277 -17.41 -9.21 -9.87
CA PRO A 277 -18.79 -9.34 -9.37
C PRO A 277 -18.91 -9.98 -7.99
N GLY A 278 -19.56 -9.27 -7.06
CA GLY A 278 -19.75 -9.76 -5.69
C GLY A 278 -18.58 -9.48 -4.74
N GLN A 279 -17.51 -8.89 -5.25
CA GLN A 279 -16.32 -8.60 -4.43
C GLN A 279 -16.66 -7.56 -3.37
N THR A 280 -16.11 -7.71 -2.16
CA THR A 280 -16.44 -6.78 -1.09
C THR A 280 -15.23 -6.14 -0.46
N TRP A 281 -14.18 -5.92 -1.24
CA TRP A 281 -13.02 -5.22 -0.72
C TRP A 281 -12.20 -4.66 -1.87
N PHE A 282 -11.25 -3.80 -1.54
CA PHE A 282 -10.25 -3.32 -2.48
C PHE A 282 -9.03 -4.25 -2.36
N LYS A 283 -8.74 -5.03 -3.41
CA LYS A 283 -7.58 -5.94 -3.45
C LYS A 283 -6.25 -5.21 -3.33
N ARG A 284 -5.34 -5.79 -2.56
CA ARG A 284 -3.95 -5.34 -2.54
C ARG A 284 -3.16 -6.24 -3.45
N ALA A 285 -2.29 -5.64 -4.26
CA ALA A 285 -1.43 -6.39 -5.15
C ALA A 285 -0.02 -5.85 -4.94
N TYR A 286 0.89 -6.74 -4.63
CA TYR A 286 2.32 -6.42 -4.44
C TYR A 286 3.04 -7.10 -5.56
N VAL A 287 3.80 -6.33 -6.33
CA VAL A 287 4.43 -6.85 -7.54
C VAL A 287 5.89 -6.41 -7.56
N GLU A 288 6.78 -7.33 -7.89
CA GLU A 288 8.17 -6.98 -8.12
C GLU A 288 8.46 -7.50 -9.51
N THR A 289 8.83 -6.58 -10.39
CA THR A 289 8.71 -6.77 -11.83
C THR A 289 10.02 -6.53 -12.57
N GLY A 290 11.14 -6.69 -11.88
CA GLY A 290 12.40 -6.83 -12.60
C GLY A 290 13.10 -5.49 -12.81
N GLY A 291 14.19 -5.51 -13.57
CA GLY A 291 15.05 -4.33 -13.65
C GLY A 291 15.85 -4.24 -14.92
N LYS A 292 16.43 -3.07 -15.19
CA LYS A 292 17.49 -2.95 -16.20
C LYS A 292 18.65 -2.25 -15.50
N ASN A 293 19.40 -3.03 -14.74
CA ASN A 293 20.26 -2.52 -13.68
C ASN A 293 21.63 -2.23 -14.22
N ALA A 294 22.18 -1.06 -13.86
CA ALA A 294 23.46 -0.64 -14.36
C ALA A 294 24.49 -0.51 -13.23
N ILE A 295 25.76 -0.71 -13.59
CA ILE A 295 26.87 -0.37 -12.73
C ILE A 295 27.60 0.75 -13.47
N ILE A 296 27.86 1.83 -12.75
CA ILE A 296 28.65 2.94 -13.24
C ILE A 296 30.09 2.81 -12.71
N VAL A 297 31.08 3.03 -13.59
CA VAL A 297 32.46 3.10 -13.11
C VAL A 297 33.08 4.38 -13.61
N ASP A 298 33.68 5.13 -12.69
CA ASP A 298 34.38 6.33 -13.08
C ASP A 298 35.90 6.14 -13.03
N GLU A 299 36.64 7.15 -13.49
CA GLU A 299 38.08 6.95 -13.70
C GLU A 299 38.88 6.88 -12.37
N THR A 300 38.20 7.15 -11.25
CA THR A 300 38.83 7.11 -9.92
C THR A 300 38.78 5.74 -9.25
N ALA A 301 38.00 4.82 -9.83
CA ALA A 301 37.77 3.49 -9.25
C ALA A 301 38.97 2.55 -9.28
N ASP A 302 38.92 1.56 -8.39
CA ASP A 302 39.79 0.42 -8.49
C ASP A 302 39.27 -0.42 -9.65
N PHE A 303 39.99 -0.40 -10.78
CA PHE A 303 39.47 -1.02 -12.02
C PHE A 303 39.42 -2.55 -11.95
N ASP A 304 40.39 -3.15 -11.29
CA ASP A 304 40.39 -4.58 -11.04
C ASP A 304 39.23 -4.97 -10.14
N LEU A 305 39.03 -4.22 -9.07
CA LEU A 305 37.91 -4.49 -8.17
C LEU A 305 36.58 -4.40 -8.92
N ALA A 306 36.41 -3.32 -9.68
CA ALA A 306 35.22 -3.08 -10.51
C ALA A 306 34.97 -4.20 -11.52
N ALA A 307 36.01 -4.62 -12.23
CA ALA A 307 35.82 -5.67 -13.25
C ALA A 307 35.30 -6.97 -12.64
N GLU A 308 35.81 -7.31 -11.45
CA GLU A 308 35.39 -8.55 -10.76
C GLU A 308 33.88 -8.49 -10.42
N GLY A 309 33.47 -7.36 -9.83
CA GLY A 309 32.09 -7.14 -9.38
C GLY A 309 31.14 -7.09 -10.56
N VAL A 310 31.59 -6.47 -11.65
CA VAL A 310 30.80 -6.40 -12.89
C VAL A 310 30.56 -7.80 -13.43
N VAL A 311 31.60 -8.64 -13.44
CA VAL A 311 31.47 -9.97 -14.00
C VAL A 311 30.60 -10.88 -13.11
N VAL A 312 30.81 -10.82 -11.81
CA VAL A 312 29.87 -11.49 -10.89
C VAL A 312 28.40 -11.02 -11.08
N SER A 313 28.20 -9.70 -11.19
CA SER A 313 26.86 -9.12 -11.26
C SER A 313 26.12 -9.43 -12.56
N ALA A 314 26.86 -9.45 -13.67
CA ALA A 314 26.28 -9.68 -15.01
C ALA A 314 26.00 -11.13 -15.32
N TYR A 315 26.86 -12.03 -14.80
CA TYR A 315 26.88 -13.42 -15.22
C TYR A 315 26.54 -14.46 -14.15
N GLY A 316 26.39 -14.03 -12.89
CA GLY A 316 25.98 -14.90 -11.78
C GLY A 316 24.64 -15.49 -12.15
N PHE A 317 24.52 -16.81 -12.05
CA PHE A 317 23.26 -17.51 -12.49
C PHE A 317 22.85 -17.11 -13.93
N GLN A 318 23.86 -16.94 -14.77
CA GLN A 318 23.68 -16.68 -16.20
C GLN A 318 22.94 -15.38 -16.45
N GLY A 319 23.03 -14.44 -15.51
CA GLY A 319 22.36 -13.14 -15.64
C GLY A 319 20.84 -13.21 -15.48
N GLN A 320 20.32 -14.34 -15.00
CA GLN A 320 18.88 -14.53 -14.83
C GLN A 320 18.43 -14.02 -13.45
N LYS A 321 18.69 -12.73 -13.20
CA LYS A 321 18.35 -12.15 -11.91
C LYS A 321 17.77 -10.81 -12.14
N CYS A 322 16.74 -10.50 -11.37
CA CYS A 322 16.12 -9.18 -11.45
C CYS A 322 17.12 -8.10 -11.04
N SER A 323 18.16 -8.53 -10.33
CA SER A 323 19.21 -7.68 -9.78
C SER A 323 20.47 -7.59 -10.66
N ALA A 324 20.49 -8.37 -11.74
CA ALA A 324 21.72 -8.55 -12.56
C ALA A 324 22.20 -7.25 -13.23
N ALA A 325 23.52 -7.02 -13.26
CA ALA A 325 24.03 -5.90 -14.04
C ALA A 325 23.92 -6.24 -15.53
N SER A 326 23.00 -5.58 -16.22
CA SER A 326 22.86 -5.79 -17.66
C SER A 326 23.32 -4.57 -18.41
N ARG A 327 23.74 -3.52 -17.69
CA ARG A 327 24.33 -2.34 -18.31
C ARG A 327 25.61 -1.96 -17.59
N LEU A 328 26.64 -1.59 -18.35
CA LEU A 328 27.90 -1.13 -17.75
C LEU A 328 28.15 0.25 -18.31
N ILE A 329 28.08 1.27 -17.45
CA ILE A 329 28.12 2.66 -17.85
C ILE A 329 29.49 3.18 -17.43
N LEU A 330 30.31 3.54 -18.41
CA LEU A 330 31.70 3.86 -18.14
C LEU A 330 32.03 5.26 -18.62
N THR A 331 32.59 6.07 -17.73
CA THR A 331 33.02 7.43 -18.11
C THR A 331 34.23 7.35 -19.05
N GLN A 332 34.55 8.44 -19.74
CA GLN A 332 35.59 8.39 -20.76
C GLN A 332 36.91 7.84 -20.22
N GLY A 333 37.32 8.27 -19.02
CA GLY A 333 38.61 7.83 -18.44
C GLY A 333 38.65 6.41 -17.90
N ALA A 334 37.47 5.86 -17.62
CA ALA A 334 37.35 4.50 -17.13
C ALA A 334 37.17 3.51 -18.26
N TYR A 335 36.83 4.00 -19.45
CA TYR A 335 36.26 3.13 -20.48
C TYR A 335 37.18 2.00 -20.88
N GLU A 336 38.35 2.36 -21.41
CA GLU A 336 39.24 1.36 -21.93
C GLU A 336 39.79 0.42 -20.85
N PRO A 337 40.36 0.98 -19.76
CA PRO A 337 40.89 0.09 -18.72
C PRO A 337 39.87 -0.90 -18.12
N VAL A 338 38.63 -0.46 -17.91
CA VAL A 338 37.62 -1.34 -17.29
C VAL A 338 37.12 -2.35 -18.30
N LEU A 339 36.79 -1.92 -19.52
CA LEU A 339 36.30 -2.89 -20.53
C LEU A 339 37.33 -4.01 -20.78
N GLU A 340 38.60 -3.63 -20.90
CA GLU A 340 39.66 -4.60 -21.09
C GLU A 340 39.64 -5.67 -19.98
N ARG A 341 39.55 -5.22 -18.73
CA ARG A 341 39.59 -6.12 -17.57
C ARG A 341 38.35 -7.02 -17.51
N VAL A 342 37.18 -6.44 -17.80
CA VAL A 342 35.91 -7.19 -17.90
C VAL A 342 36.02 -8.26 -18.98
N LEU A 343 36.44 -7.87 -20.17
CA LEU A 343 36.62 -8.86 -21.26
C LEU A 343 37.61 -9.99 -20.89
N LYS A 344 38.74 -9.65 -20.31
CA LYS A 344 39.72 -10.67 -19.94
C LYS A 344 39.15 -11.63 -18.91
N ARG A 345 38.40 -11.09 -17.95
CA ARG A 345 37.79 -11.94 -16.95
C ARG A 345 36.67 -12.79 -17.52
N ALA A 346 35.73 -12.13 -18.22
CA ALA A 346 34.60 -12.80 -18.89
C ALA A 346 35.01 -13.93 -19.85
N GLU A 347 36.09 -13.74 -20.63
CA GLU A 347 36.51 -14.78 -21.58
C GLU A 347 37.00 -16.05 -20.88
N ARG A 348 37.35 -15.95 -19.58
CA ARG A 348 37.87 -17.08 -18.80
C ARG A 348 36.79 -17.88 -18.11
N LEU A 349 35.55 -17.40 -18.22
CA LEU A 349 34.40 -18.04 -17.55
C LEU A 349 33.99 -19.39 -18.14
N SER A 350 33.83 -20.41 -17.29
CA SER A 350 33.38 -21.71 -17.78
C SER A 350 31.87 -21.77 -17.91
N VAL A 351 31.44 -22.59 -18.88
CA VAL A 351 30.03 -22.81 -19.16
C VAL A 351 29.77 -24.31 -19.34
N GLY A 352 28.86 -24.87 -18.54
CA GLY A 352 28.65 -26.30 -18.64
C GLY A 352 27.53 -26.77 -17.73
N PRO A 353 27.30 -28.10 -17.70
CA PRO A 353 26.25 -28.63 -16.83
C PRO A 353 26.46 -28.12 -15.44
N ALA A 354 25.37 -27.71 -14.81
CA ALA A 354 25.43 -27.05 -13.51
C ALA A 354 26.02 -27.97 -12.47
N GLU A 355 25.77 -29.27 -12.60
CA GLU A 355 26.29 -30.23 -11.60
C GLU A 355 27.82 -30.15 -11.44
N GLU A 356 28.50 -29.73 -12.51
CA GLU A 356 29.96 -29.61 -12.55
C GLU A 356 30.49 -28.38 -11.80
N ASN A 357 29.59 -27.56 -11.26
CA ASN A 357 29.95 -26.27 -10.64
C ASN A 357 30.70 -25.34 -11.60
N PRO A 358 30.14 -25.08 -12.81
CA PRO A 358 30.84 -24.18 -13.72
C PRO A 358 30.58 -22.74 -13.27
N ASP A 359 31.28 -21.78 -13.84
CA ASP A 359 30.95 -20.37 -13.62
C ASP A 359 29.51 -20.08 -14.06
N LEU A 360 29.16 -20.57 -15.25
CA LEU A 360 27.80 -20.49 -15.77
C LEU A 360 27.23 -21.85 -16.10
N GLY A 361 25.99 -22.08 -15.66
CA GLY A 361 25.18 -23.21 -16.13
C GLY A 361 24.41 -22.84 -17.41
N PRO A 362 23.36 -23.59 -17.72
CA PRO A 362 22.49 -23.25 -18.85
C PRO A 362 21.44 -22.20 -18.48
N VAL A 363 20.76 -21.62 -19.47
CA VAL A 363 19.56 -20.83 -19.14
C VAL A 363 18.44 -21.86 -18.86
N VAL A 364 17.32 -21.40 -18.31
CA VAL A 364 16.43 -22.30 -17.57
C VAL A 364 15.57 -23.20 -18.46
N SER A 365 15.34 -22.80 -19.70
CA SER A 365 14.40 -23.52 -20.56
C SER A 365 14.63 -23.20 -22.02
N ALA A 366 13.97 -23.96 -22.89
CA ALA A 366 14.00 -23.71 -24.34
C ALA A 366 13.41 -22.35 -24.67
N GLU A 367 12.33 -21.98 -23.98
CA GLU A 367 11.75 -20.67 -24.19
C GLU A 367 12.73 -19.56 -23.78
N GLN A 368 13.38 -19.70 -22.61
CA GLN A 368 14.38 -18.66 -22.24
C GLN A 368 15.54 -18.60 -23.21
N GLU A 369 16.04 -19.76 -23.64
CA GLU A 369 17.08 -19.77 -24.66
C GLU A 369 16.66 -18.98 -25.90
N ARG A 370 15.42 -19.18 -26.33
CA ARG A 370 14.89 -18.56 -27.53
C ARG A 370 14.86 -17.05 -27.34
N LYS A 371 14.34 -16.61 -26.20
CA LYS A 371 14.25 -15.18 -25.87
C LYS A 371 15.61 -14.56 -25.80
N VAL A 372 16.53 -15.17 -25.05
CA VAL A 372 17.89 -14.60 -24.92
C VAL A 372 18.64 -14.55 -26.28
N LEU A 373 18.56 -15.64 -27.05
CA LEU A 373 19.15 -15.67 -28.39
C LEU A 373 18.53 -14.60 -29.28
N SER A 374 17.20 -14.41 -29.19
CA SER A 374 16.54 -13.37 -29.99
C SER A 374 17.05 -11.97 -29.62
N TYR A 375 17.23 -11.69 -28.32
CA TYR A 375 17.82 -10.42 -27.90
C TYR A 375 19.26 -10.26 -28.36
N ILE A 376 20.03 -11.35 -28.40
CA ILE A 376 21.41 -11.27 -28.92
C ILE A 376 21.39 -10.83 -30.39
N GLU A 377 20.44 -11.37 -31.17
CA GLU A 377 20.31 -11.00 -32.56
C GLU A 377 19.96 -9.54 -32.70
N ILE A 378 19.04 -9.06 -31.85
CA ILE A 378 18.73 -7.62 -31.78
C ILE A 378 19.99 -6.82 -31.46
N GLY A 379 20.76 -7.29 -30.48
CA GLY A 379 21.93 -6.54 -30.05
C GLY A 379 23.00 -6.42 -31.10
N LYS A 380 23.08 -7.41 -31.98
CA LYS A 380 24.11 -7.42 -33.03
C LYS A 380 23.89 -6.24 -33.97
N ASN A 381 22.64 -5.78 -34.10
CA ASN A 381 22.34 -4.55 -34.85
C ASN A 381 22.71 -3.34 -34.02
N GLU A 382 22.15 -3.28 -32.81
CA GLU A 382 22.21 -2.09 -31.96
C GLU A 382 23.58 -1.75 -31.37
N GLY A 383 24.37 -2.76 -31.08
CA GLY A 383 25.71 -2.56 -30.50
C GLY A 383 26.74 -3.36 -31.27
N GLN A 384 27.96 -3.43 -30.75
CA GLN A 384 29.01 -4.18 -31.41
C GLN A 384 29.33 -5.37 -30.56
N LEU A 385 29.10 -6.57 -31.08
CA LEU A 385 29.41 -7.81 -30.37
C LEU A 385 30.92 -7.91 -30.21
N VAL A 386 31.42 -7.96 -28.97
CA VAL A 386 32.88 -8.13 -28.73
C VAL A 386 33.22 -9.40 -27.96
N LEU A 387 32.21 -10.09 -27.45
CA LEU A 387 32.42 -11.35 -26.74
C LEU A 387 31.17 -12.18 -26.77
N GLY A 388 31.30 -13.46 -27.08
CA GLY A 388 30.19 -14.41 -26.99
C GLY A 388 29.20 -14.27 -28.12
N GLY A 389 27.93 -14.16 -27.76
CA GLY A 389 26.85 -13.95 -28.71
C GLY A 389 26.39 -15.19 -29.42
N LYS A 390 26.56 -16.35 -28.77
CA LYS A 390 26.32 -17.68 -29.39
C LYS A 390 25.82 -18.70 -28.39
N ARG A 391 25.03 -19.64 -28.88
CA ARG A 391 24.71 -20.86 -28.15
C ARG A 391 25.96 -21.71 -28.20
N LEU A 392 26.25 -22.41 -27.11
CA LEU A 392 27.38 -23.33 -27.07
C LEU A 392 26.93 -24.74 -27.45
N GLU A 393 27.88 -25.64 -27.69
CA GLU A 393 27.56 -27.03 -28.07
C GLU A 393 26.95 -27.82 -26.92
N GLY A 394 25.92 -28.60 -27.22
CA GLY A 394 25.23 -29.42 -26.20
C GLY A 394 23.72 -29.37 -26.27
N GLU A 395 23.09 -30.41 -25.72
CA GLU A 395 21.64 -30.46 -25.56
C GLU A 395 21.12 -29.42 -24.56
N GLY A 396 21.92 -29.16 -23.54
CA GLY A 396 21.59 -28.17 -22.51
C GLY A 396 21.46 -26.77 -23.11
N TYR A 397 20.82 -25.84 -22.39
CA TYR A 397 20.56 -24.51 -22.93
C TYR A 397 21.73 -23.54 -22.64
N PHE A 398 22.91 -23.90 -23.15
CA PHE A 398 24.15 -23.19 -22.88
C PHE A 398 24.32 -21.98 -23.79
N ILE A 399 24.51 -20.80 -23.17
CA ILE A 399 24.75 -19.54 -23.88
C ILE A 399 26.00 -18.88 -23.33
N ALA A 400 26.88 -18.44 -24.23
CA ALA A 400 28.15 -17.80 -23.87
C ALA A 400 27.93 -16.46 -23.22
N PRO A 401 28.80 -16.11 -22.25
CA PRO A 401 28.75 -14.77 -21.70
C PRO A 401 28.96 -13.80 -22.85
N THR A 402 28.09 -12.81 -22.92
CA THR A 402 28.02 -11.92 -24.09
C THR A 402 28.23 -10.47 -23.71
N VAL A 403 29.00 -9.75 -24.52
CA VAL A 403 29.24 -8.32 -24.30
C VAL A 403 29.01 -7.57 -25.60
N PHE A 404 28.20 -6.51 -25.54
CA PHE A 404 28.04 -5.55 -26.64
C PHE A 404 28.61 -4.19 -26.16
N THR A 405 29.36 -3.53 -27.03
CA THR A 405 29.96 -2.22 -26.72
C THR A 405 29.38 -1.16 -27.67
N GLU A 406 29.56 0.08 -27.29
CA GLU A 406 29.09 1.22 -28.06
C GLU A 406 27.56 1.18 -28.22
N VAL A 407 26.88 0.74 -27.16
CA VAL A 407 25.43 0.58 -27.20
C VAL A 407 24.80 1.94 -26.91
N PRO A 408 23.89 2.41 -27.80
CA PRO A 408 23.12 3.61 -27.52
C PRO A 408 22.21 3.41 -26.30
N PRO A 409 22.13 4.42 -25.42
CA PRO A 409 21.34 4.31 -24.18
C PRO A 409 19.88 3.95 -24.40
N LYS A 410 19.34 4.30 -25.57
CA LYS A 410 17.92 4.01 -25.83
C LYS A 410 17.68 2.82 -26.73
N ALA A 411 18.74 2.06 -27.04
CA ALA A 411 18.64 0.74 -27.71
C ALA A 411 17.76 -0.21 -26.96
N ARG A 412 17.07 -1.08 -27.69
CA ARG A 412 16.29 -2.13 -27.05
C ARG A 412 17.12 -2.92 -26.03
N ILE A 413 18.37 -3.25 -26.37
CA ILE A 413 19.21 -4.02 -25.44
C ILE A 413 19.68 -3.20 -24.21
N ALA A 414 19.50 -1.87 -24.26
CA ALA A 414 19.85 -0.96 -23.17
C ALA A 414 18.60 -0.56 -22.37
N GLN A 415 17.45 -1.08 -22.78
CA GLN A 415 16.21 -0.68 -22.13
C GLN A 415 15.36 -1.85 -21.64
N GLU A 416 15.40 -2.97 -22.36
CA GLU A 416 14.54 -4.13 -22.11
C GLU A 416 15.24 -5.22 -21.33
N GLU A 417 14.54 -5.87 -20.39
CA GLU A 417 15.16 -6.89 -19.52
C GLU A 417 15.32 -8.20 -20.27
N ILE A 418 16.58 -8.59 -20.51
CA ILE A 418 16.93 -9.78 -21.30
C ILE A 418 16.94 -11.04 -20.42
N PHE A 419 17.46 -10.89 -19.20
CA PHE A 419 17.43 -11.97 -18.22
C PHE A 419 18.25 -13.17 -18.74
N GLY A 420 19.44 -12.86 -19.22
CA GLY A 420 20.41 -13.83 -19.72
C GLY A 420 21.82 -13.23 -19.58
N PRO A 421 22.85 -13.96 -20.03
CA PRO A 421 24.23 -13.49 -19.81
C PRO A 421 24.68 -12.47 -20.88
N VAL A 422 24.08 -11.28 -20.84
CA VAL A 422 24.27 -10.29 -21.91
C VAL A 422 24.44 -8.93 -21.31
N LEU A 423 25.68 -8.42 -21.44
CA LEU A 423 26.05 -7.11 -20.92
C LEU A 423 26.16 -6.04 -22.01
N SER A 424 25.50 -4.90 -21.81
CA SER A 424 25.54 -3.77 -22.74
C SER A 424 26.46 -2.68 -22.16
N VAL A 425 27.50 -2.31 -22.90
CA VAL A 425 28.47 -1.33 -22.41
C VAL A 425 28.18 0.03 -23.06
N ILE A 426 27.96 1.03 -22.23
CA ILE A 426 27.55 2.35 -22.67
C ILE A 426 28.63 3.34 -22.30
N ARG A 427 29.11 4.08 -23.29
CA ARG A 427 30.12 5.13 -23.10
C ARG A 427 29.48 6.49 -22.74
N VAL A 428 30.01 7.17 -21.72
CA VAL A 428 29.50 8.52 -21.34
C VAL A 428 30.67 9.44 -21.03
N LYS A 429 30.41 10.75 -20.99
CA LYS A 429 31.50 11.71 -20.78
C LYS A 429 32.05 11.68 -19.36
N ASP A 430 31.14 11.78 -18.39
CA ASP A 430 31.51 12.02 -16.99
C ASP A 430 30.44 11.43 -16.08
N PHE A 431 30.62 11.63 -14.78
CA PHE A 431 29.73 11.08 -13.78
C PHE A 431 28.32 11.65 -13.86
N ALA A 432 28.17 12.95 -14.16
CA ALA A 432 26.81 13.51 -14.34
C ALA A 432 26.02 12.79 -15.44
N GLU A 433 26.65 12.60 -16.60
CA GLU A 433 26.06 11.85 -17.72
C GLU A 433 25.83 10.39 -17.35
N ALA A 434 26.75 9.80 -16.60
CA ALA A 434 26.58 8.43 -16.17
C ALA A 434 25.28 8.27 -15.38
N LEU A 435 24.99 9.22 -14.48
CA LEU A 435 23.74 9.16 -13.69
C LEU A 435 22.50 9.34 -14.55
N GLU A 436 22.57 10.29 -15.47
CA GLU A 436 21.45 10.49 -16.43
C GLU A 436 21.11 9.22 -17.21
N VAL A 437 22.13 8.59 -17.77
CA VAL A 437 21.94 7.33 -18.52
C VAL A 437 21.43 6.24 -17.57
N ALA A 438 22.05 6.15 -16.39
CA ALA A 438 21.57 5.17 -15.38
C ALA A 438 20.09 5.27 -15.07
N ASN A 439 19.64 6.52 -14.88
CA ASN A 439 18.25 6.79 -14.53
C ASN A 439 17.26 6.66 -15.67
N ASP A 440 17.73 6.81 -16.90
CA ASP A 440 16.83 6.90 -18.06
C ASP A 440 16.45 5.51 -18.58
N THR A 441 15.73 4.76 -17.75
CA THR A 441 15.04 3.50 -18.16
C THR A 441 13.67 3.53 -17.45
N PRO A 442 12.76 2.61 -17.82
CA PRO A 442 11.49 2.56 -17.09
C PRO A 442 11.62 1.93 -15.69
N TYR A 443 12.82 1.43 -15.36
CA TYR A 443 13.03 0.60 -14.14
C TYR A 443 13.76 1.31 -13.03
N GLY A 444 13.89 0.64 -11.88
CA GLY A 444 14.62 1.25 -10.75
C GLY A 444 14.87 0.27 -9.65
N LEU A 445 15.47 -0.88 -9.98
CA LEU A 445 15.62 -1.97 -9.00
C LEU A 445 16.98 -1.97 -8.33
N THR A 446 18.03 -2.45 -9.02
CA THR A 446 19.38 -2.33 -8.43
C THR A 446 20.30 -1.41 -9.24
N GLY A 447 21.42 -1.04 -8.65
CA GLY A 447 22.38 -0.19 -9.35
C GLY A 447 23.66 -0.22 -8.55
N GLY A 448 24.77 0.07 -9.20
CA GLY A 448 26.05 0.08 -8.48
C GLY A 448 26.96 1.17 -9.01
N VAL A 449 27.93 1.58 -8.18
CA VAL A 449 28.88 2.61 -8.59
C VAL A 449 30.21 2.12 -8.07
N TYR A 450 31.22 2.12 -8.94
CA TYR A 450 32.59 1.90 -8.49
C TYR A 450 33.30 3.21 -8.69
N SER A 451 33.80 3.76 -7.58
CA SER A 451 34.40 5.08 -7.54
C SER A 451 35.09 5.24 -6.20
N ARG A 452 36.22 5.95 -6.18
CA ARG A 452 36.81 6.34 -4.90
C ARG A 452 36.46 7.77 -4.49
N LYS A 453 35.81 8.51 -5.39
CA LYS A 453 35.48 9.90 -5.10
C LYS A 453 34.25 9.98 -4.19
N ARG A 454 34.42 10.51 -2.97
CA ARG A 454 33.33 10.59 -1.99
C ARG A 454 32.13 11.35 -2.50
N GLU A 455 32.39 12.43 -3.22
CA GLU A 455 31.34 13.28 -3.76
C GLU A 455 30.48 12.60 -4.83
N HIS A 456 31.08 11.69 -5.60
CA HIS A 456 30.35 10.92 -6.61
C HIS A 456 29.47 9.88 -5.95
N LEU A 457 30.02 9.22 -4.94
CA LEU A 457 29.27 8.20 -4.18
C LEU A 457 28.06 8.81 -3.48
N GLU A 458 28.25 9.96 -2.80
CA GLU A 458 27.16 10.58 -2.05
C GLU A 458 26.11 11.23 -2.97
N TRP A 459 26.58 11.75 -4.10
CA TRP A 459 25.68 12.19 -5.18
C TRP A 459 24.79 11.04 -5.69
N ALA A 460 25.39 9.91 -6.02
CA ALA A 460 24.63 8.68 -6.36
C ALA A 460 23.65 8.27 -5.26
N ARG A 461 24.09 8.32 -3.99
CA ARG A 461 23.20 7.93 -2.87
C ARG A 461 21.90 8.73 -2.94
N ARG A 462 22.01 10.03 -3.24
CA ARG A 462 20.89 10.95 -3.44
C ARG A 462 20.17 10.81 -4.78
N GLU A 463 20.90 10.51 -5.85
CA GLU A 463 20.29 10.69 -7.20
C GLU A 463 20.24 9.51 -8.18
N PHE A 464 20.92 8.40 -7.83
CA PHE A 464 20.88 7.19 -8.67
C PHE A 464 19.59 6.49 -8.21
N HIS A 465 18.52 6.64 -9.00
CA HIS A 465 17.18 6.36 -8.52
C HIS A 465 16.83 4.86 -8.66
N VAL A 466 17.41 4.06 -7.77
CA VAL A 466 17.11 2.61 -7.72
C VAL A 466 16.86 2.27 -6.25
N GLY A 467 16.05 1.25 -5.99
CA GLY A 467 15.75 0.90 -4.57
C GLY A 467 16.86 0.18 -3.79
N ASN A 468 17.76 -0.45 -4.53
CA ASN A 468 18.93 -1.12 -3.95
C ASN A 468 20.21 -0.69 -4.68
N LEU A 469 20.97 0.17 -4.00
CA LEU A 469 22.19 0.74 -4.57
C LEU A 469 23.41 0.22 -3.79
N TYR A 470 24.47 -0.12 -4.51
CA TYR A 470 25.70 -0.66 -3.88
C TYR A 470 26.95 0.03 -4.40
N PHE A 471 27.85 0.38 -3.49
CA PHE A 471 29.09 1.06 -3.86
C PHE A 471 30.28 0.15 -3.65
N ASN A 472 31.06 -0.02 -4.72
CA ASN A 472 32.32 -0.75 -4.70
C ASN A 472 32.16 -2.21 -4.32
N ARG A 473 31.09 -2.80 -4.86
CA ARG A 473 30.76 -4.20 -4.62
C ARG A 473 29.68 -4.62 -5.61
N LYS A 474 29.51 -5.93 -5.77
CA LYS A 474 28.49 -6.47 -6.70
C LYS A 474 27.07 -5.94 -6.40
N ILE A 475 26.16 -5.97 -7.38
CA ILE A 475 24.83 -5.40 -7.18
C ILE A 475 23.74 -6.46 -6.98
N THR A 476 24.16 -7.72 -6.95
CA THR A 476 23.28 -8.85 -6.72
C THR A 476 23.50 -9.41 -5.31
N GLY A 477 22.67 -10.38 -4.92
CA GLY A 477 22.87 -11.10 -3.64
C GLY A 477 22.48 -10.31 -2.39
N ALA A 478 21.47 -9.45 -2.52
CA ALA A 478 20.92 -8.72 -1.38
C ALA A 478 20.57 -9.68 -0.25
N LEU A 479 21.06 -9.38 0.95
CA LEU A 479 20.83 -10.24 2.11
C LEU A 479 19.62 -9.83 2.94
N VAL A 480 18.77 -10.81 3.26
CA VAL A 480 17.61 -10.59 4.10
C VAL A 480 18.02 -9.80 5.38
N GLY A 481 17.28 -8.73 5.70
CA GLY A 481 17.53 -7.96 6.95
C GLY A 481 18.56 -6.84 6.75
N VAL A 482 19.61 -7.14 5.97
CA VAL A 482 20.71 -6.22 5.75
C VAL A 482 20.32 -5.20 4.66
N GLN A 483 19.81 -5.70 3.54
CA GLN A 483 19.44 -4.88 2.41
C GLN A 483 17.99 -5.15 2.02
N PRO A 484 17.02 -4.42 2.64
CA PRO A 484 15.60 -4.49 2.21
C PRO A 484 15.52 -4.44 0.70
N PHE A 485 14.86 -5.42 0.09
CA PHE A 485 14.97 -5.55 -1.37
C PHE A 485 13.70 -5.19 -2.11
N GLY A 486 13.78 -4.25 -3.06
CA GLY A 486 12.58 -3.84 -3.81
C GLY A 486 12.87 -2.51 -4.48
N GLY A 487 12.19 -2.23 -5.59
CA GLY A 487 12.61 -1.09 -6.43
C GLY A 487 11.60 0.01 -6.57
N PHE A 488 11.85 0.86 -7.56
CA PHE A 488 11.08 2.05 -7.86
C PHE A 488 10.59 1.89 -9.30
N LYS A 489 9.67 2.76 -9.69
CA LYS A 489 9.27 2.85 -11.10
C LYS A 489 8.70 1.52 -11.57
N LEU A 490 9.05 1.05 -12.77
CA LEU A 490 8.40 -0.16 -13.25
C LEU A 490 9.11 -1.42 -12.79
N SER A 491 9.96 -1.25 -11.79
CA SER A 491 10.45 -2.39 -11.03
C SER A 491 9.45 -2.88 -9.98
N GLY A 492 8.37 -2.14 -9.79
CA GLY A 492 7.28 -2.70 -8.95
C GLY A 492 6.77 -1.73 -7.90
N THR A 493 6.14 -2.28 -6.84
CA THR A 493 5.48 -1.43 -5.83
C THR A 493 6.31 -1.09 -4.57
N ASN A 494 7.60 -1.44 -4.60
CA ASN A 494 8.54 -1.16 -3.53
C ASN A 494 8.16 -1.88 -2.24
N ALA A 495 7.64 -3.11 -2.36
CA ALA A 495 7.37 -3.94 -1.22
C ALA A 495 8.71 -4.50 -0.80
N LYS A 496 9.29 -3.98 0.28
CA LYS A 496 10.68 -4.31 0.59
C LYS A 496 10.78 -5.64 1.32
N THR A 497 11.23 -6.66 0.60
CA THR A 497 11.41 -7.98 1.20
C THR A 497 12.60 -7.96 2.17
N GLY A 498 12.53 -8.84 3.18
CA GLY A 498 13.61 -8.94 4.17
C GLY A 498 13.71 -7.72 5.06
N ALA A 499 12.57 -7.05 5.24
CA ALA A 499 12.50 -5.80 6.02
C ALA A 499 11.25 -5.82 6.89
N LEU A 500 11.32 -5.13 8.02
CA LEU A 500 10.19 -5.04 8.94
C LEU A 500 8.94 -4.53 8.21
N ASP A 501 9.13 -3.61 7.27
CA ASP A 501 8.03 -3.00 6.53
C ASP A 501 7.23 -3.96 5.66
N TYR A 502 7.81 -5.10 5.30
CA TYR A 502 7.14 -6.02 4.38
C TYR A 502 5.86 -6.57 5.01
N LEU A 503 5.92 -6.89 6.30
CA LEU A 503 4.78 -7.59 6.92
C LEU A 503 3.59 -6.65 7.09
N ARG A 504 3.86 -5.35 7.17
CA ARG A 504 2.79 -4.38 7.29
C ARG A 504 1.87 -4.39 6.07
N LEU A 505 2.40 -4.85 4.94
CA LEU A 505 1.60 -4.92 3.70
C LEU A 505 0.48 -5.97 3.75
N PHE A 506 0.62 -6.92 4.67
CA PHE A 506 -0.35 -8.02 4.81
C PHE A 506 -1.23 -7.90 6.06
N LEU A 507 -1.36 -6.67 6.56
CA LEU A 507 -2.15 -6.39 7.72
C LEU A 507 -3.04 -5.20 7.47
N GLU A 508 -4.17 -5.16 8.18
CA GLU A 508 -4.94 -3.95 8.27
C GLU A 508 -5.09 -3.59 9.76
N MET A 509 -5.50 -2.36 10.05
CA MET A 509 -5.55 -1.84 11.40
C MET A 509 -6.97 -1.55 11.91
N LYS A 510 -7.24 -1.97 13.14
CA LYS A 510 -8.49 -1.67 13.82
C LYS A 510 -8.21 -0.79 15.03
N ALA A 511 -9.07 0.19 15.26
CA ALA A 511 -8.99 1.09 16.41
C ALA A 511 -10.26 0.92 17.20
N VAL A 512 -10.13 0.55 18.49
CA VAL A 512 -11.27 0.21 19.31
C VAL A 512 -11.20 1.04 20.60
N ALA A 513 -12.20 1.89 20.81
CA ALA A 513 -12.25 2.76 21.99
C ALA A 513 -13.31 2.25 22.95
N GLU A 514 -13.00 2.19 24.24
CA GLU A 514 -14.07 1.99 25.22
C GLU A 514 -14.15 3.17 26.16
N ARG A 515 -15.33 3.77 26.28
CA ARG A 515 -15.53 4.86 27.26
C ARG A 515 -16.07 4.25 28.55
N PHE A 516 -15.32 4.40 29.64
CA PHE A 516 -15.64 3.70 30.89
C PHE A 516 -16.76 4.34 31.73
N MET B 1 14.49 19.21 16.34
CA MET B 1 13.48 20.23 16.67
C MET B 1 12.58 19.66 17.76
N THR B 2 12.36 20.45 18.83
CA THR B 2 11.62 19.97 20.00
C THR B 2 10.46 20.90 20.31
N VAL B 3 9.27 20.31 20.30
CA VAL B 3 8.01 21.00 20.56
C VAL B 3 7.32 20.20 21.67
N GLU B 4 6.23 20.74 22.20
CA GLU B 4 5.46 20.03 23.22
C GLU B 4 4.92 18.73 22.63
N PRO B 5 4.79 17.71 23.48
CA PRO B 5 4.10 16.50 23.08
C PRO B 5 2.75 16.87 22.49
N PHE B 6 2.35 16.14 21.46
CA PHE B 6 1.09 16.36 20.79
C PHE B 6 -0.04 16.31 21.80
N ARG B 7 -0.94 17.30 21.73
CA ARG B 7 -2.26 17.28 22.39
C ARG B 7 -3.29 17.65 21.34
N ASN B 8 -4.49 17.08 21.42
CA ASN B 8 -5.58 17.53 20.53
C ASN B 8 -6.04 18.96 20.85
N GLU B 9 -6.30 19.73 19.79
CA GLU B 9 -6.87 21.09 19.92
C GLU B 9 -8.26 20.99 20.58
N PRO B 10 -8.49 21.75 21.65
CA PRO B 10 -9.77 21.71 22.34
C PRO B 10 -10.91 22.16 21.43
N ILE B 11 -12.00 21.40 21.41
CA ILE B 11 -13.20 21.74 20.67
C ILE B 11 -14.04 22.74 21.48
N GLU B 12 -14.33 23.88 20.87
CA GLU B 12 -15.08 24.93 21.55
C GLU B 12 -16.54 24.49 21.73
N THR B 13 -17.04 24.63 22.96
CA THR B 13 -18.43 24.36 23.31
C THR B 13 -19.27 25.64 23.35
N PHE B 14 -18.60 26.80 23.32
CA PHE B 14 -19.25 28.10 23.37
C PHE B 14 -20.15 28.29 24.60
N GLN B 15 -19.72 27.74 25.74
CA GLN B 15 -20.46 27.91 27.00
C GLN B 15 -20.17 29.22 27.72
N THR B 16 -19.12 29.93 27.32
CA THR B 16 -18.77 31.22 27.92
C THR B 16 -19.22 32.36 27.02
N GLU B 17 -19.53 33.50 27.64
CA GLU B 17 -19.95 34.66 26.88
C GLU B 17 -18.85 35.15 25.94
N GLU B 18 -17.60 35.07 26.35
CA GLU B 18 -16.49 35.48 25.46
C GLU B 18 -16.44 34.65 24.18
N ALA B 19 -16.63 33.34 24.31
CA ALA B 19 -16.57 32.45 23.17
C ALA B 19 -17.70 32.78 22.20
N ARG B 20 -18.87 33.09 22.76
CA ARG B 20 -20.06 33.42 21.94
C ARG B 20 -19.88 34.74 21.23
N ARG B 21 -19.36 35.75 21.94
CA ARG B 21 -19.05 37.04 21.34
C ARG B 21 -18.00 36.90 20.23
N ALA B 22 -16.96 36.13 20.49
CA ALA B 22 -15.94 35.89 19.46
C ALA B 22 -16.56 35.23 18.22
N MET B 23 -17.52 34.31 18.42
CA MET B 23 -18.15 33.65 17.26
C MET B 23 -19.00 34.61 16.49
N ARG B 24 -19.74 35.46 17.20
CA ARG B 24 -20.60 36.45 16.53
C ARG B 24 -19.77 37.44 15.74
N GLU B 25 -18.61 37.87 16.28
CA GLU B 25 -17.66 38.74 15.54
C GLU B 25 -17.17 38.04 14.26
N ALA B 26 -16.85 36.75 14.36
CA ALA B 26 -16.37 35.97 13.20
C ALA B 26 -17.45 35.81 12.14
N LEU B 27 -18.66 35.46 12.54
CA LEU B 27 -19.76 35.33 11.60
C LEU B 27 -20.00 36.63 10.85
N ARG B 28 -19.92 37.75 11.56
CA ARG B 28 -20.08 39.06 10.95
C ARG B 28 -18.98 39.36 9.95
N ARG B 29 -17.74 39.07 10.31
CA ARG B 29 -16.61 39.27 9.39
C ARG B 29 -16.80 38.47 8.11
N VAL B 30 -17.19 37.20 8.28
CA VAL B 30 -17.33 36.26 7.17
C VAL B 30 -18.46 36.69 6.22
N ARG B 31 -19.63 37.04 6.76
CA ARG B 31 -20.73 37.49 5.88
C ARG B 31 -20.46 38.82 5.20
N GLU B 32 -19.68 39.68 5.84
CA GLU B 32 -19.25 40.93 5.20
C GLU B 32 -18.35 40.68 3.99
N GLU B 33 -17.71 39.51 3.97
CA GLU B 33 -16.85 39.13 2.85
C GLU B 33 -17.49 38.19 1.82
N PHE B 34 -18.80 38.01 1.88
CA PHE B 34 -19.52 37.14 0.93
C PHE B 34 -19.32 37.58 -0.51
N GLY B 35 -18.97 38.84 -0.70
CA GLY B 35 -18.69 39.32 -2.08
C GLY B 35 -17.34 38.86 -2.67
N ARG B 36 -16.51 38.19 -1.88
CA ARG B 36 -15.15 37.91 -2.32
C ARG B 36 -15.05 36.87 -3.41
N HIS B 37 -14.07 37.05 -4.29
CA HIS B 37 -13.74 36.08 -5.33
C HIS B 37 -12.35 35.47 -5.06
N TYR B 38 -12.27 34.15 -5.10
CA TYR B 38 -11.03 33.44 -4.79
C TYR B 38 -10.54 32.73 -6.02
N PRO B 39 -9.36 33.13 -6.53
CA PRO B 39 -8.78 32.47 -7.67
C PRO B 39 -8.23 31.08 -7.35
N LEU B 40 -7.70 30.42 -8.38
CA LEU B 40 -6.90 29.21 -8.22
C LEU B 40 -5.59 29.60 -7.55
N TYR B 41 -4.90 28.60 -7.01
CA TYR B 41 -3.55 28.82 -6.47
C TYR B 41 -2.66 27.78 -7.12
N ILE B 42 -1.71 28.27 -7.91
CA ILE B 42 -0.84 27.43 -8.71
C ILE B 42 0.54 28.04 -8.70
N GLY B 43 1.56 27.26 -8.31
CA GLY B 43 2.96 27.71 -8.36
C GLY B 43 3.20 28.98 -7.57
N GLY B 44 2.63 29.03 -6.37
CA GLY B 44 2.87 30.13 -5.45
C GLY B 44 2.09 31.40 -5.73
N GLU B 45 1.24 31.40 -6.74
CA GLU B 45 0.44 32.59 -7.02
C GLU B 45 -1.04 32.33 -7.25
N TRP B 46 -1.84 33.34 -6.97
CA TRP B 46 -3.28 33.23 -7.17
C TRP B 46 -3.49 33.53 -8.62
N VAL B 47 -4.23 32.65 -9.31
CA VAL B 47 -4.34 32.70 -10.74
C VAL B 47 -5.81 32.60 -11.09
N ASP B 48 -6.35 33.66 -11.69
CA ASP B 48 -7.77 33.74 -11.94
C ASP B 48 -8.11 33.13 -13.30
N THR B 49 -9.39 32.83 -13.51
CA THR B 49 -9.85 32.28 -14.78
C THR B 49 -11.03 33.13 -15.23
N LYS B 50 -11.51 32.92 -16.45
CA LYS B 50 -12.68 33.67 -16.92
C LYS B 50 -13.99 33.08 -16.43
N GLU B 51 -14.13 31.75 -16.49
CA GLU B 51 -15.27 31.08 -15.86
C GLU B 51 -15.15 31.13 -14.35
N ARG B 52 -16.28 31.07 -13.67
CA ARG B 52 -16.29 31.12 -12.21
C ARG B 52 -17.25 30.11 -11.65
N MET B 53 -17.05 29.78 -10.37
CA MET B 53 -17.95 28.90 -9.64
C MET B 53 -18.51 29.71 -8.50
N VAL B 54 -19.76 29.41 -8.15
CA VAL B 54 -20.47 30.16 -7.13
C VAL B 54 -20.75 29.23 -5.96
N SER B 55 -20.54 29.73 -4.74
CA SER B 55 -20.84 28.95 -3.55
C SER B 55 -22.03 29.57 -2.82
N LEU B 56 -22.98 28.71 -2.43
CA LEU B 56 -24.25 29.11 -1.81
C LEU B 56 -24.36 28.69 -0.34
N ASN B 57 -25.13 29.44 0.42
CA ASN B 57 -25.44 29.14 1.81
C ASN B 57 -26.58 28.14 1.80
N PRO B 58 -26.34 26.88 2.25
CA PRO B 58 -27.44 25.89 2.15
C PRO B 58 -28.61 26.16 3.11
N SER B 59 -28.40 27.08 4.06
CA SER B 59 -29.47 27.52 4.99
C SER B 59 -30.30 28.67 4.36
N ALA B 60 -29.83 29.21 3.23
CA ALA B 60 -30.47 30.31 2.49
C ALA B 60 -29.84 30.38 1.11
N PRO B 61 -30.15 29.40 0.26
CA PRO B 61 -29.36 29.22 -0.96
C PRO B 61 -29.45 30.33 -2.03
N SER B 62 -30.35 31.29 -1.86
CA SER B 62 -30.38 32.49 -2.70
C SER B 62 -29.22 33.45 -2.34
N GLU B 63 -28.57 33.17 -1.21
CA GLU B 63 -27.45 33.98 -0.74
C GLU B 63 -26.16 33.30 -1.14
N VAL B 64 -25.31 34.07 -1.82
CA VAL B 64 -24.00 33.61 -2.30
C VAL B 64 -22.96 33.89 -1.21
N VAL B 65 -22.14 32.90 -0.88
CA VAL B 65 -21.10 33.09 0.15
C VAL B 65 -19.73 33.42 -0.46
N GLY B 66 -19.63 33.29 -1.78
CA GLY B 66 -18.41 33.65 -2.49
C GLY B 66 -18.37 33.00 -3.84
N THR B 67 -17.39 33.41 -4.65
CA THR B 67 -17.16 32.80 -5.96
C THR B 67 -15.69 32.42 -6.07
N THR B 68 -15.40 31.47 -6.95
CA THR B 68 -14.02 31.10 -7.19
C THR B 68 -13.79 30.98 -8.67
N ALA B 69 -12.51 30.99 -9.05
CA ALA B 69 -12.09 30.60 -10.37
C ALA B 69 -12.44 29.13 -10.60
N LYS B 70 -12.38 28.70 -11.84
CA LYS B 70 -12.79 27.37 -12.23
C LYS B 70 -11.70 26.81 -13.12
N ALA B 71 -11.08 25.72 -12.67
CA ALA B 71 -9.95 25.12 -13.40
C ALA B 71 -10.44 24.13 -14.45
N GLY B 72 -9.70 24.05 -15.55
CA GLY B 72 -9.91 23.02 -16.55
C GLY B 72 -8.62 22.25 -16.75
N LYS B 73 -8.54 21.50 -17.84
CA LYS B 73 -7.38 20.63 -18.13
C LYS B 73 -6.08 21.42 -18.20
N ALA B 74 -6.14 22.59 -18.82
CA ALA B 74 -4.93 23.40 -19.00
C ALA B 74 -4.39 23.89 -17.67
N GLU B 75 -5.27 24.30 -16.75
CA GLU B 75 -4.82 24.72 -15.41
C GLU B 75 -4.32 23.50 -14.62
N ALA B 76 -4.98 22.34 -14.81
CA ALA B 76 -4.54 21.08 -14.23
C ALA B 76 -3.10 20.70 -14.64
N GLU B 77 -2.84 20.82 -15.95
CA GLU B 77 -1.51 20.58 -16.49
C GLU B 77 -0.48 21.57 -15.93
N ALA B 78 -0.86 22.85 -15.86
CA ALA B 78 0.02 23.88 -15.28
C ALA B 78 0.37 23.64 -13.80
N ALA B 79 -0.60 23.19 -12.99
CA ALA B 79 -0.32 22.82 -11.58
C ALA B 79 0.60 21.61 -11.50
N LEU B 80 0.35 20.62 -12.37
CA LEU B 80 1.19 19.43 -12.43
C LEU B 80 2.65 19.80 -12.77
N GLU B 81 2.85 20.67 -13.75
CA GLU B 81 4.20 21.15 -14.06
C GLU B 81 4.84 21.88 -12.86
N ALA B 82 4.09 22.74 -12.19
CA ALA B 82 4.58 23.45 -11.00
C ALA B 82 4.91 22.52 -9.86
N ALA B 83 4.05 21.52 -9.64
CA ALA B 83 4.22 20.54 -8.56
C ALA B 83 5.46 19.68 -8.74
N TRP B 84 5.73 19.25 -9.97
CA TRP B 84 6.96 18.48 -10.23
C TRP B 84 8.23 19.33 -10.12
N LYS B 85 8.16 20.57 -10.61
CA LYS B 85 9.30 21.46 -10.51
C LYS B 85 9.61 21.67 -9.03
N ALA B 86 8.58 21.95 -8.23
CA ALA B 86 8.73 22.13 -6.79
C ALA B 86 9.29 20.92 -6.10
N PHE B 87 8.82 19.73 -6.51
CA PHE B 87 9.23 18.48 -5.87
C PHE B 87 10.74 18.32 -5.91
N LYS B 88 11.33 18.70 -7.04
CA LYS B 88 12.78 18.57 -7.24
C LYS B 88 13.62 19.12 -6.08
N THR B 89 13.18 20.21 -5.46
CA THR B 89 13.92 20.79 -4.31
C THR B 89 13.22 20.55 -2.97
N TRP B 90 11.88 20.52 -2.97
CA TRP B 90 11.09 20.30 -1.72
C TRP B 90 11.45 18.94 -1.08
N LYS B 91 11.69 17.94 -1.93
CA LYS B 91 12.12 16.61 -1.46
C LYS B 91 13.43 16.68 -0.69
N ASP B 92 14.26 17.68 -0.99
CA ASP B 92 15.58 17.77 -0.39
C ASP B 92 15.64 18.60 0.89
N TRP B 93 14.54 19.25 1.27
CA TRP B 93 14.50 20.02 2.53
C TRP B 93 14.76 19.06 3.69
N PRO B 94 15.53 19.49 4.70
CA PRO B 94 15.58 18.71 5.94
C PRO B 94 14.19 18.49 6.48
N GLN B 95 13.91 17.31 7.03
CA GLN B 95 12.57 17.05 7.54
C GLN B 95 12.19 18.09 8.60
N GLU B 96 13.17 18.50 9.40
CA GLU B 96 12.93 19.48 10.44
C GLU B 96 12.39 20.79 9.86
N ASP B 97 12.91 21.17 8.69
CA ASP B 97 12.47 22.40 8.04
C ASP B 97 11.02 22.23 7.53
N ARG B 98 10.73 21.08 6.92
CA ARG B 98 9.37 20.82 6.42
C ARG B 98 8.37 20.80 7.59
N SER B 99 8.77 20.19 8.72
CA SER B 99 7.86 20.06 9.86
C SER B 99 7.60 21.41 10.52
N ARG B 100 8.62 22.25 10.58
CA ARG B 100 8.43 23.63 11.07
C ARG B 100 7.47 24.42 10.19
N LEU B 101 7.54 24.24 8.87
CA LEU B 101 6.57 24.92 7.99
C LEU B 101 5.13 24.51 8.34
N LEU B 102 4.92 23.22 8.54
CA LEU B 102 3.60 22.72 8.96
C LEU B 102 3.20 23.35 10.29
N LEU B 103 4.14 23.42 11.24
CA LEU B 103 3.82 23.99 12.56
C LEU B 103 3.44 25.46 12.44
N LYS B 104 4.07 26.18 11.51
CA LYS B 104 3.68 27.55 11.20
C LYS B 104 2.24 27.61 10.64
N ALA B 105 1.91 26.72 9.71
CA ALA B 105 0.56 26.67 9.13
C ALA B 105 -0.48 26.41 10.22
N ALA B 106 -0.18 25.48 11.11
CA ALA B 106 -1.10 25.23 12.24
C ALA B 106 -1.36 26.43 13.13
N ALA B 107 -0.29 27.14 13.50
CA ALA B 107 -0.40 28.33 14.32
C ALA B 107 -1.23 29.40 13.61
N LEU B 108 -0.98 29.62 12.33
CA LEU B 108 -1.80 30.55 11.51
C LEU B 108 -3.26 30.13 11.52
N MET B 109 -3.50 28.84 11.32
CA MET B 109 -4.86 28.31 11.32
C MET B 109 -5.52 28.47 12.70
N ARG B 110 -4.77 28.20 13.76
CA ARG B 110 -5.30 28.37 15.13
C ARG B 110 -5.73 29.82 15.37
N ARG B 111 -4.95 30.76 14.87
CA ARG B 111 -5.28 32.17 15.04
C ARG B 111 -6.48 32.61 14.22
N ARG B 112 -6.82 31.84 13.19
CA ARG B 112 -7.96 32.14 12.36
C ARG B 112 -9.09 31.16 12.58
N LYS B 113 -9.09 30.51 13.74
CA LYS B 113 -10.07 29.44 14.03
C LYS B 113 -11.52 29.83 13.87
N ARG B 114 -11.92 30.95 14.49
CA ARG B 114 -13.32 31.35 14.51
C ARG B 114 -13.77 31.71 13.09
N GLU B 115 -12.88 32.37 12.34
CA GLU B 115 -13.16 32.75 10.94
C GLU B 115 -13.45 31.53 10.09
N LEU B 116 -12.62 30.49 10.22
CA LEU B 116 -12.85 29.26 9.47
C LEU B 116 -14.12 28.52 9.92
N GLU B 117 -14.35 28.51 11.22
CA GLU B 117 -15.59 27.91 11.76
C GLU B 117 -16.82 28.61 11.18
N ALA B 118 -16.80 29.96 11.16
CA ALA B 118 -17.92 30.75 10.62
C ALA B 118 -18.13 30.52 9.13
N THR B 119 -17.05 30.28 8.40
CA THR B 119 -17.12 29.93 7.00
C THR B 119 -17.78 28.57 6.79
N LEU B 120 -17.42 27.58 7.62
CA LEU B 120 -18.11 26.29 7.60
C LEU B 120 -19.59 26.43 7.90
N VAL B 121 -19.92 27.31 8.85
CA VAL B 121 -21.32 27.49 9.27
C VAL B 121 -22.11 27.98 8.04
N TYR B 122 -21.60 29.04 7.43
CA TYR B 122 -22.29 29.63 6.25
C TYR B 122 -22.21 28.83 4.96
N GLU B 123 -21.05 28.21 4.68
CA GLU B 123 -20.89 27.53 3.38
C GLU B 123 -21.40 26.10 3.33
N VAL B 124 -21.28 25.35 4.43
CA VAL B 124 -21.68 23.95 4.42
C VAL B 124 -22.74 23.55 5.46
N GLY B 125 -23.22 24.52 6.24
CA GLY B 125 -24.37 24.31 7.12
C GLY B 125 -24.05 23.57 8.41
N LYS B 126 -22.81 23.68 8.87
CA LYS B 126 -22.40 23.07 10.13
C LYS B 126 -22.89 23.95 11.26
N ASN B 127 -23.43 23.37 12.33
CA ASN B 127 -23.72 24.19 13.51
C ASN B 127 -22.39 24.59 14.16
N TRP B 128 -22.41 25.28 15.28
CA TRP B 128 -21.15 25.89 15.80
C TRP B 128 -20.17 24.87 16.31
N VAL B 129 -20.66 23.87 17.03
CA VAL B 129 -19.77 22.84 17.57
C VAL B 129 -19.26 21.88 16.48
N GLU B 130 -20.10 21.54 15.51
CA GLU B 130 -19.62 20.75 14.37
C GLU B 130 -18.52 21.51 13.61
N ALA B 131 -18.73 22.81 13.44
CA ALA B 131 -17.73 23.66 12.82
C ALA B 131 -16.42 23.66 13.62
N SER B 132 -16.52 23.88 14.93
CA SER B 132 -15.33 23.95 15.79
C SER B 132 -14.57 22.63 15.80
N ALA B 133 -15.30 21.51 15.84
CA ALA B 133 -14.69 20.18 15.79
C ALA B 133 -13.89 19.96 14.49
N ASP B 134 -14.47 20.45 13.38
CA ASP B 134 -13.90 20.32 12.04
C ASP B 134 -12.57 21.12 12.00
N VAL B 135 -12.59 22.37 12.42
CA VAL B 135 -11.36 23.16 12.39
C VAL B 135 -10.31 22.61 13.38
N ALA B 136 -10.75 22.17 14.56
CA ALA B 136 -9.81 21.60 15.53
C ALA B 136 -9.15 20.35 14.96
N GLU B 137 -9.92 19.52 14.26
CA GLU B 137 -9.34 18.32 13.61
C GLU B 137 -8.30 18.65 12.52
N ALA B 138 -8.55 19.69 11.74
CA ALA B 138 -7.56 20.16 10.77
C ALA B 138 -6.25 20.57 11.42
N ILE B 139 -6.35 21.41 12.46
CA ILE B 139 -5.17 21.84 13.25
C ILE B 139 -4.45 20.61 13.80
N ASP B 140 -5.21 19.68 14.37
CA ASP B 140 -4.67 18.40 14.83
C ASP B 140 -3.91 17.67 13.73
N PHE B 141 -4.44 17.58 12.50
CA PHE B 141 -3.70 16.85 11.45
C PHE B 141 -2.33 17.48 11.21
N ILE B 142 -2.33 18.79 11.10
CA ILE B 142 -1.09 19.53 10.84
C ILE B 142 -0.12 19.31 11.98
N GLU B 143 -0.60 19.47 13.22
CA GLU B 143 0.26 19.26 14.41
C GLU B 143 0.81 17.82 14.50
N TYR B 144 -0.06 16.85 14.27
CA TYR B 144 0.30 15.46 14.39
C TYR B 144 1.26 15.02 13.27
N TYR B 145 0.90 15.28 12.00
CA TYR B 145 1.78 14.89 10.89
C TYR B 145 3.13 15.62 10.93
N ALA B 146 3.15 16.86 11.41
CA ALA B 146 4.45 17.58 11.55
C ALA B 146 5.42 16.75 12.45
N ARG B 147 4.89 16.24 13.56
CA ARG B 147 5.66 15.40 14.50
C ARG B 147 5.93 14.01 13.93
N ALA B 148 4.91 13.38 13.37
CA ALA B 148 5.04 12.01 12.90
C ALA B 148 6.07 11.91 11.77
N ALA B 149 6.14 12.93 10.93
CA ALA B 149 7.15 12.93 9.85
C ALA B 149 8.56 12.81 10.37
N LEU B 150 8.83 13.37 11.55
CA LEU B 150 10.19 13.27 12.09
C LEU B 150 10.59 11.83 12.39
N ARG B 151 9.60 10.97 12.63
CA ARG B 151 9.87 9.55 12.96
C ARG B 151 10.40 8.78 11.74
N TYR B 152 10.24 9.39 10.57
CA TYR B 152 10.70 8.80 9.30
C TYR B 152 12.01 9.43 8.75
N ARG B 153 12.62 10.34 9.51
CA ARG B 153 13.70 11.17 8.96
C ARG B 153 15.00 10.36 8.75
N TYR B 154 15.81 10.90 7.84
CA TYR B 154 17.05 10.24 7.38
C TYR B 154 17.97 9.87 8.51
N PRO B 155 18.46 8.60 8.53
CA PRO B 155 17.98 7.38 7.86
C PRO B 155 17.20 6.54 8.88
N ALA B 156 15.92 6.31 8.63
CA ALA B 156 15.04 5.84 9.71
C ALA B 156 14.99 4.32 9.87
N VAL B 157 15.50 3.57 8.89
CA VAL B 157 15.16 2.13 8.83
C VAL B 157 16.10 1.25 9.65
N GLU B 158 15.51 0.40 10.50
CA GLU B 158 16.25 -0.60 11.28
C GLU B 158 16.72 -1.76 10.38
N VAL B 159 18.03 -1.89 10.19
CA VAL B 159 18.59 -2.97 9.36
C VAL B 159 19.64 -3.76 10.12
N VAL B 160 19.93 -4.96 9.62
CA VAL B 160 20.93 -5.87 10.20
C VAL B 160 22.29 -5.45 9.62
N PRO B 161 23.32 -5.24 10.48
CA PRO B 161 24.64 -4.93 9.92
C PRO B 161 25.35 -6.11 9.24
N TYR B 162 26.39 -5.76 8.50
CA TYR B 162 27.15 -6.77 7.79
C TYR B 162 28.61 -6.34 7.86
N PRO B 163 29.53 -7.30 8.09
CA PRO B 163 30.97 -6.97 8.26
C PRO B 163 31.54 -6.19 7.06
N GLY B 164 32.31 -5.14 7.35
CA GLY B 164 33.01 -4.38 6.28
C GLY B 164 32.19 -3.46 5.38
N GLU B 165 30.91 -3.27 5.74
CA GLU B 165 29.99 -2.41 4.96
C GLU B 165 29.20 -1.48 5.83
N ASP B 166 28.84 -0.34 5.24
CA ASP B 166 27.75 0.44 5.78
C ASP B 166 26.49 0.06 5.00
N ASN B 167 25.42 -0.25 5.71
CA ASN B 167 24.13 -0.50 5.07
C ASN B 167 23.12 0.50 5.58
N GLU B 168 22.63 1.35 4.69
CA GLU B 168 21.76 2.46 5.11
C GLU B 168 20.47 2.47 4.32
N SER B 169 19.33 2.26 4.99
CA SER B 169 18.04 2.34 4.35
C SER B 169 17.28 3.57 4.86
N PHE B 170 16.59 4.23 3.96
CA PHE B 170 15.96 5.50 4.28
C PHE B 170 14.75 5.72 3.40
N TYR B 171 13.84 6.58 3.86
CA TYR B 171 12.65 6.87 3.06
C TYR B 171 12.84 8.09 2.19
N VAL B 172 12.19 8.10 1.04
CA VAL B 172 12.12 9.28 0.17
C VAL B 172 10.66 9.45 -0.28
N PRO B 173 10.26 10.69 -0.57
CA PRO B 173 8.89 10.92 -1.01
C PRO B 173 8.71 10.46 -2.45
N LEU B 174 7.43 10.28 -2.82
CA LEU B 174 7.05 9.73 -4.12
C LEU B 174 7.14 10.71 -5.26
N GLY B 175 6.62 11.91 -5.04
CA GLY B 175 6.50 12.89 -6.15
C GLY B 175 5.29 13.80 -6.06
N ALA B 176 4.72 14.17 -7.21
CA ALA B 176 3.54 15.05 -7.25
C ALA B 176 2.29 14.18 -7.34
N GLY B 177 1.28 14.50 -6.56
CA GLY B 177 0.04 13.72 -6.59
C GLY B 177 -1.17 14.60 -6.51
N VAL B 178 -2.36 13.99 -6.60
CA VAL B 178 -3.60 14.73 -6.57
C VAL B 178 -4.43 14.34 -5.34
N VAL B 179 -5.01 15.34 -4.69
CA VAL B 179 -5.94 15.12 -3.58
C VAL B 179 -7.35 15.49 -4.04
N ILE B 180 -8.31 14.62 -3.77
CA ILE B 180 -9.69 14.90 -4.12
C ILE B 180 -10.45 14.84 -2.81
N ALA B 181 -10.87 16.02 -2.35
CA ALA B 181 -11.40 16.21 -0.98
C ALA B 181 -12.94 16.23 -0.91
N PRO B 182 -13.52 15.87 0.26
CA PRO B 182 -14.98 15.86 0.41
C PRO B 182 -15.53 17.19 0.87
N TRP B 183 -16.85 17.37 0.72
CA TRP B 183 -17.49 18.57 1.23
C TRP B 183 -17.87 18.50 2.71
N ASN B 184 -17.90 17.31 3.32
CA ASN B 184 -18.44 17.21 4.68
C ASN B 184 -17.46 17.56 5.80
N PHE B 185 -16.15 17.41 5.51
CA PHE B 185 -15.10 17.90 6.37
C PHE B 185 -14.10 18.70 5.54
N PRO B 186 -14.54 19.88 5.04
CA PRO B 186 -13.77 20.54 3.99
C PRO B 186 -12.70 21.46 4.55
N VAL B 187 -12.53 21.44 5.88
CA VAL B 187 -11.31 21.97 6.49
C VAL B 187 -10.45 20.79 6.98
N ALA B 188 -10.98 19.97 7.90
CA ALA B 188 -10.22 18.86 8.47
C ALA B 188 -9.65 17.89 7.43
N ILE B 189 -10.52 17.26 6.64
CA ILE B 189 -10.05 16.19 5.73
C ILE B 189 -9.30 16.78 4.56
N PHE B 190 -9.79 17.92 4.05
CA PHE B 190 -9.08 18.68 3.01
C PHE B 190 -7.65 18.94 3.45
N THR B 191 -7.49 19.46 4.67
CA THR B 191 -6.16 19.76 5.20
C THR B 191 -5.31 18.49 5.45
N GLY B 192 -5.85 17.48 6.13
CA GLY B 192 -5.10 16.26 6.42
C GLY B 192 -4.62 15.54 5.18
N MET B 193 -5.46 15.46 4.15
CA MET B 193 -5.08 14.75 2.96
C MET B 193 -3.96 15.43 2.16
N ILE B 194 -3.86 16.75 2.33
CA ILE B 194 -2.82 17.54 1.67
C ILE B 194 -1.53 17.51 2.47
N VAL B 195 -1.62 17.86 3.75
CA VAL B 195 -0.39 18.07 4.55
C VAL B 195 0.35 16.78 4.93
N GLY B 196 -0.35 15.65 5.03
CA GLY B 196 0.33 14.37 5.25
C GLY B 196 1.40 14.09 4.17
N PRO B 197 0.95 13.95 2.90
CA PRO B 197 1.93 13.76 1.82
C PRO B 197 2.97 14.90 1.79
N VAL B 198 2.51 16.14 1.94
CA VAL B 198 3.42 17.30 1.86
C VAL B 198 4.50 17.29 2.95
N ALA B 199 4.11 16.92 4.17
CA ALA B 199 5.05 16.87 5.29
C ALA B 199 6.35 16.12 4.97
N VAL B 200 6.22 14.96 4.33
CA VAL B 200 7.38 14.10 4.07
C VAL B 200 8.06 14.33 2.72
N GLY B 201 7.60 15.32 1.96
CA GLY B 201 8.41 15.75 0.80
C GLY B 201 7.72 15.62 -0.56
N ASN B 202 6.47 15.18 -0.57
CA ASN B 202 5.65 15.17 -1.77
C ASN B 202 5.11 16.57 -2.09
N THR B 203 4.59 16.71 -3.30
CA THR B 203 3.85 17.91 -3.68
C THR B 203 2.44 17.53 -4.13
N VAL B 204 1.50 18.47 -4.02
CA VAL B 204 0.07 18.12 -4.12
C VAL B 204 -0.71 19.13 -4.93
N ILE B 205 -1.61 18.61 -5.76
CA ILE B 205 -2.63 19.41 -6.41
C ILE B 205 -3.93 19.00 -5.74
N ALA B 206 -4.63 19.96 -5.14
CA ALA B 206 -5.85 19.67 -4.37
C ALA B 206 -7.09 20.19 -5.11
N LYS B 207 -8.06 19.31 -5.29
CA LYS B 207 -9.34 19.68 -5.85
C LYS B 207 -10.36 19.66 -4.73
N PRO B 208 -10.87 20.83 -4.32
CA PRO B 208 -11.90 20.81 -3.26
C PRO B 208 -13.23 20.35 -3.81
N ALA B 209 -14.13 19.93 -2.92
CA ALA B 209 -15.49 19.58 -3.32
C ALA B 209 -16.21 20.86 -3.75
N GLU B 210 -17.09 20.80 -4.76
CA GLU B 210 -17.71 22.02 -5.31
C GLU B 210 -18.46 22.83 -4.26
N ASP B 211 -19.08 22.12 -3.31
CA ASP B 211 -19.89 22.76 -2.26
C ASP B 211 -19.04 23.53 -1.23
N ALA B 212 -17.73 23.32 -1.24
CA ALA B 212 -16.90 23.88 -0.16
C ALA B 212 -15.63 24.58 -0.68
N VAL B 213 -15.75 25.20 -1.85
CA VAL B 213 -14.61 25.83 -2.49
C VAL B 213 -14.11 27.09 -1.75
N VAL B 214 -15.02 27.85 -1.11
CA VAL B 214 -14.60 29.07 -0.38
C VAL B 214 -13.74 28.75 0.84
N VAL B 215 -14.18 27.82 1.68
CA VAL B 215 -13.35 27.46 2.85
C VAL B 215 -12.02 26.82 2.39
N GLY B 216 -12.02 26.02 1.33
CA GLY B 216 -10.75 25.49 0.81
C GLY B 216 -9.80 26.59 0.36
N ALA B 217 -10.35 27.66 -0.21
CA ALA B 217 -9.52 28.79 -0.63
C ALA B 217 -8.95 29.48 0.61
N LYS B 218 -9.73 29.53 1.69
CA LYS B 218 -9.24 30.17 2.92
C LYS B 218 -8.15 29.35 3.56
N VAL B 219 -8.25 28.03 3.48
CA VAL B 219 -7.14 27.15 3.91
C VAL B 219 -5.88 27.44 3.07
N PHE B 220 -6.05 27.59 1.76
CA PHE B 220 -4.92 28.00 0.92
C PHE B 220 -4.33 29.36 1.21
N GLU B 221 -5.13 30.33 1.68
CA GLU B 221 -4.55 31.60 2.17
C GLU B 221 -3.56 31.36 3.31
N ILE B 222 -3.90 30.39 4.16
CA ILE B 222 -3.05 30.01 5.28
C ILE B 222 -1.77 29.37 4.78
N PHE B 223 -1.90 28.47 3.81
CA PHE B 223 -0.72 27.83 3.20
C PHE B 223 0.20 28.90 2.60
N HIS B 224 -0.39 29.83 1.85
CA HIS B 224 0.38 30.89 1.21
C HIS B 224 1.09 31.79 2.21
N GLU B 225 0.38 32.22 3.25
CA GLU B 225 1.00 33.00 4.33
C GLU B 225 2.07 32.24 5.09
N ALA B 226 1.89 30.92 5.24
CA ALA B 226 2.92 30.10 5.93
C ALA B 226 4.27 30.03 5.16
N GLY B 227 4.21 30.16 3.85
CA GLY B 227 5.41 30.20 3.02
C GLY B 227 5.76 28.89 2.33
N PHE B 228 4.78 28.02 2.05
CA PHE B 228 5.12 26.85 1.23
C PHE B 228 5.74 27.31 -0.10
N PRO B 229 6.88 26.72 -0.50
CA PRO B 229 7.48 27.17 -1.74
C PRO B 229 6.53 26.98 -2.93
N PRO B 230 6.72 27.79 -3.96
CA PRO B 230 5.86 27.71 -5.13
C PRO B 230 5.74 26.29 -5.70
N GLY B 231 4.50 25.85 -5.93
CA GLY B 231 4.29 24.54 -6.55
C GLY B 231 4.14 23.39 -5.55
N VAL B 232 4.51 23.62 -4.30
CA VAL B 232 4.38 22.54 -3.28
C VAL B 232 2.92 22.22 -3.00
N VAL B 233 2.06 23.23 -2.89
CA VAL B 233 0.62 23.02 -2.77
C VAL B 233 -0.10 23.85 -3.81
N ASN B 234 -1.14 23.25 -4.40
CA ASN B 234 -1.88 23.89 -5.52
C ASN B 234 -3.34 23.62 -5.32
N PHE B 235 -4.19 24.59 -5.66
CA PHE B 235 -5.62 24.62 -5.37
C PHE B 235 -6.38 24.75 -6.69
N LEU B 236 -7.17 23.72 -7.04
CA LEU B 236 -7.91 23.70 -8.31
C LEU B 236 -9.41 23.40 -8.13
N PRO B 237 -10.20 24.41 -7.68
CA PRO B 237 -11.63 24.22 -7.73
C PRO B 237 -12.05 24.01 -9.20
N GLY B 238 -13.04 23.14 -9.38
CA GLY B 238 -13.53 22.81 -10.72
C GLY B 238 -14.91 22.21 -10.59
N VAL B 239 -15.65 22.20 -11.71
CA VAL B 239 -17.01 21.70 -11.78
C VAL B 239 -17.01 20.32 -12.46
N GLY B 240 -17.65 19.34 -11.85
CA GLY B 240 -17.75 18.00 -12.44
C GLY B 240 -16.43 17.24 -12.54
N GLU B 241 -16.33 16.35 -13.54
CA GLU B 241 -15.25 15.36 -13.57
C GLU B 241 -13.97 15.86 -14.22
N GLU B 242 -14.05 16.90 -15.04
CA GLU B 242 -12.91 17.31 -15.88
C GLU B 242 -11.56 17.22 -15.17
N VAL B 243 -11.43 17.94 -14.07
CA VAL B 243 -10.13 18.13 -13.44
C VAL B 243 -9.66 16.83 -12.79
N GLY B 244 -10.56 16.22 -12.04
CA GLY B 244 -10.26 14.98 -11.32
C GLY B 244 -9.93 13.83 -12.26
N ALA B 245 -10.71 13.65 -13.34
CA ALA B 245 -10.42 12.60 -14.32
C ALA B 245 -9.09 12.79 -15.01
N TYR B 246 -8.80 14.03 -15.40
CA TYR B 246 -7.58 14.37 -16.13
C TYR B 246 -6.34 14.01 -15.32
N LEU B 247 -6.38 14.35 -14.04
CA LEU B 247 -5.24 14.10 -13.16
C LEU B 247 -5.17 12.63 -12.74
N VAL B 248 -6.31 12.05 -12.37
CA VAL B 248 -6.32 10.62 -11.98
C VAL B 248 -5.73 9.72 -13.07
N GLU B 249 -6.07 10.02 -14.32
CA GLU B 249 -5.65 9.23 -15.48
C GLU B 249 -4.27 9.63 -16.02
N HIS B 250 -3.72 10.71 -15.52
CA HIS B 250 -2.46 11.27 -16.07
C HIS B 250 -1.29 10.31 -15.91
N PRO B 251 -0.47 10.11 -16.98
CA PRO B 251 0.75 9.28 -16.77
C PRO B 251 1.72 9.88 -15.74
N ARG B 252 1.64 11.19 -15.52
CA ARG B 252 2.61 11.85 -14.61
C ARG B 252 2.08 12.19 -13.23
N ILE B 253 0.93 11.63 -12.88
CA ILE B 253 0.45 11.74 -11.51
C ILE B 253 0.97 10.52 -10.75
N ARG B 254 1.66 10.77 -9.63
CA ARG B 254 2.34 9.69 -8.88
C ARG B 254 1.42 8.94 -7.92
N PHE B 255 0.50 9.67 -7.28
CA PHE B 255 -0.41 9.09 -6.32
C PHE B 255 -1.74 9.90 -6.28
N ILE B 256 -2.79 9.25 -5.77
CA ILE B 256 -4.10 9.85 -5.63
C ILE B 256 -4.60 9.58 -4.23
N ASN B 257 -5.01 10.64 -3.53
CA ASN B 257 -5.58 10.54 -2.18
C ASN B 257 -7.01 11.03 -2.27
N PHE B 258 -7.97 10.13 -2.03
CA PHE B 258 -9.37 10.43 -2.24
C PHE B 258 -10.21 10.09 -1.03
N THR B 259 -11.14 10.98 -0.69
CA THR B 259 -12.22 10.68 0.27
C THR B 259 -13.54 11.12 -0.39
N GLY B 260 -14.50 10.21 -0.46
CA GLY B 260 -15.81 10.52 -1.07
C GLY B 260 -16.65 9.27 -1.24
N SER B 261 -17.52 9.26 -2.24
CA SER B 261 -18.46 8.13 -2.36
C SER B 261 -17.77 6.87 -2.89
N LEU B 262 -18.33 5.72 -2.55
CA LEU B 262 -17.85 4.45 -3.09
C LEU B 262 -17.87 4.46 -4.62
N GLU B 263 -18.92 5.02 -5.20
CA GLU B 263 -19.04 5.03 -6.67
C GLU B 263 -17.77 5.63 -7.32
N VAL B 264 -17.37 6.80 -6.84
CA VAL B 264 -16.21 7.49 -7.39
C VAL B 264 -14.92 6.76 -6.97
N GLY B 265 -14.87 6.29 -5.72
CA GLY B 265 -13.69 5.58 -5.22
C GLY B 265 -13.35 4.34 -6.03
N LEU B 266 -14.36 3.57 -6.41
CA LEU B 266 -14.16 2.44 -7.33
C LEU B 266 -13.55 2.83 -8.67
N LYS B 267 -14.04 3.91 -9.27
CA LYS B 267 -13.51 4.35 -10.56
C LYS B 267 -12.05 4.76 -10.43
N ILE B 268 -11.75 5.51 -9.37
CA ILE B 268 -10.38 5.91 -9.06
C ILE B 268 -9.44 4.71 -8.88
N TYR B 269 -9.84 3.74 -8.07
CA TYR B 269 -8.94 2.60 -7.82
C TYR B 269 -8.68 1.83 -9.13
N GLU B 270 -9.72 1.68 -9.94
CA GLU B 270 -9.56 0.97 -11.20
C GLU B 270 -8.60 1.69 -12.14
N ALA B 271 -8.75 3.02 -12.23
CA ALA B 271 -7.92 3.85 -13.12
C ALA B 271 -6.48 3.86 -12.67
N ALA B 272 -6.29 3.92 -11.35
CA ALA B 272 -4.95 3.86 -10.76
C ALA B 272 -4.20 2.58 -11.09
N GLY B 273 -4.93 1.48 -11.29
CA GLY B 273 -4.31 0.19 -11.66
C GLY B 273 -3.82 0.07 -13.08
N ARG B 274 -4.14 1.08 -13.90
CA ARG B 274 -3.79 1.09 -15.34
C ARG B 274 -2.51 1.87 -15.60
N LEU B 275 -1.72 1.41 -16.56
CA LEU B 275 -0.54 2.15 -16.97
C LEU B 275 -0.93 3.10 -18.10
N ALA B 276 -1.04 4.42 -17.84
CA ALA B 276 -1.39 5.37 -18.92
C ALA B 276 -0.22 5.42 -19.92
N PRO B 277 -0.47 5.79 -21.19
CA PRO B 277 0.64 5.82 -22.14
C PRO B 277 1.84 6.65 -21.63
N GLY B 278 3.03 6.03 -21.59
CA GLY B 278 4.26 6.69 -21.15
C GLY B 278 4.49 6.75 -19.64
N GLN B 279 3.55 6.20 -18.87
CA GLN B 279 3.67 6.18 -17.39
C GLN B 279 4.84 5.28 -16.99
N THR B 280 5.55 5.62 -15.91
CA THR B 280 6.77 4.86 -15.56
C THR B 280 6.77 4.40 -14.12
N TRP B 281 5.58 4.23 -13.54
CA TRP B 281 5.45 3.71 -12.18
C TRP B 281 4.09 3.07 -12.01
N PHE B 282 3.92 2.42 -10.87
CA PHE B 282 2.67 1.83 -10.42
C PHE B 282 2.07 2.86 -9.46
N LYS B 283 0.94 3.48 -9.87
CA LYS B 283 0.28 4.51 -9.08
C LYS B 283 -0.20 3.95 -7.74
N ARG B 284 -0.12 4.77 -6.71
CA ARG B 284 -0.72 4.45 -5.42
C ARG B 284 -1.99 5.24 -5.33
N ALA B 285 -3.09 4.58 -4.95
CA ALA B 285 -4.38 5.26 -4.77
C ALA B 285 -4.90 4.88 -3.40
N TYR B 286 -5.13 5.90 -2.57
CA TYR B 286 -5.66 5.70 -1.23
C TYR B 286 -7.07 6.23 -1.26
N VAL B 287 -8.03 5.38 -0.90
CA VAL B 287 -9.44 5.78 -0.99
C VAL B 287 -10.17 5.53 0.36
N GLU B 288 -11.01 6.48 0.78
CA GLU B 288 -11.91 6.24 1.90
C GLU B 288 -13.28 6.50 1.34
N THR B 289 -14.14 5.50 1.39
CA THR B 289 -15.32 5.47 0.54
C THR B 289 -16.64 5.30 1.28
N GLY B 290 -16.70 5.75 2.53
CA GLY B 290 -17.98 5.81 3.23
C GLY B 290 -18.30 4.55 4.02
N GLY B 291 -19.50 4.49 4.57
CA GLY B 291 -19.86 3.33 5.39
C GLY B 291 -21.34 3.18 5.54
N LYS B 292 -21.75 2.07 6.16
CA LYS B 292 -23.13 1.90 6.63
C LYS B 292 -23.04 1.45 8.08
N ASN B 293 -22.81 2.43 8.94
CA ASN B 293 -22.33 2.19 10.29
C ASN B 293 -23.48 1.93 11.24
N ALA B 294 -23.33 0.90 12.05
CA ALA B 294 -24.38 0.47 12.97
C ALA B 294 -23.94 0.66 14.43
N ILE B 295 -24.92 0.95 15.29
CA ILE B 295 -24.74 0.82 16.72
C ILE B 295 -25.63 -0.32 17.18
N ILE B 296 -25.01 -1.29 17.86
CA ILE B 296 -25.75 -2.38 18.52
C ILE B 296 -26.00 -1.97 19.97
N VAL B 297 -27.20 -2.24 20.49
CA VAL B 297 -27.44 -2.05 21.94
C VAL B 297 -28.07 -3.36 22.44
N ASP B 298 -27.57 -3.88 23.56
CA ASP B 298 -28.17 -5.09 24.13
C ASP B 298 -28.90 -4.76 25.44
N GLU B 299 -29.57 -5.74 26.02
CA GLU B 299 -30.46 -5.51 27.16
C GLU B 299 -29.73 -5.13 28.44
N THR B 300 -28.40 -5.26 28.44
CA THR B 300 -27.61 -4.93 29.65
C THR B 300 -27.15 -3.47 29.66
N ALA B 301 -27.35 -2.75 28.57
CA ALA B 301 -26.79 -1.40 28.41
C ALA B 301 -27.43 -0.37 29.30
N ASP B 302 -26.76 0.76 29.45
CA ASP B 302 -27.38 1.95 30.00
C ASP B 302 -28.19 2.54 28.84
N PHE B 303 -29.51 2.34 28.88
CA PHE B 303 -30.40 2.73 27.75
C PHE B 303 -30.47 4.25 27.48
N ASP B 304 -30.37 5.04 28.55
CA ASP B 304 -30.28 6.50 28.41
C ASP B 304 -28.98 6.96 27.78
N LEU B 305 -27.85 6.44 28.28
CA LEU B 305 -26.56 6.72 27.65
C LEU B 305 -26.59 6.29 26.18
N ALA B 306 -27.15 5.12 25.90
CA ALA B 306 -27.21 4.66 24.52
C ALA B 306 -28.03 5.56 23.62
N ALA B 307 -29.21 5.97 24.08
CA ALA B 307 -30.07 6.84 23.27
C ALA B 307 -29.39 8.17 22.95
N GLU B 308 -28.70 8.75 23.92
CA GLU B 308 -27.95 9.99 23.67
C GLU B 308 -26.85 9.79 22.62
N GLY B 309 -26.04 8.75 22.79
CA GLY B 309 -24.95 8.47 21.84
C GLY B 309 -25.45 8.16 20.45
N VAL B 310 -26.60 7.47 20.37
CA VAL B 310 -27.21 7.16 19.06
C VAL B 310 -27.68 8.42 18.32
N VAL B 311 -28.35 9.31 19.06
CA VAL B 311 -28.85 10.56 18.47
C VAL B 311 -27.71 11.44 17.98
N VAL B 312 -26.67 11.58 18.81
CA VAL B 312 -25.47 12.32 18.40
C VAL B 312 -24.87 11.69 17.15
N SER B 313 -24.68 10.38 17.18
CA SER B 313 -24.04 9.66 16.06
C SER B 313 -24.89 9.71 14.79
N ALA B 314 -26.21 9.61 14.91
CA ALA B 314 -27.11 9.59 13.73
C ALA B 314 -27.35 10.96 13.12
N TYR B 315 -27.42 11.98 13.96
CA TYR B 315 -27.89 13.27 13.48
C TYR B 315 -26.87 14.39 13.54
N GLY B 316 -25.66 14.13 14.08
CA GLY B 316 -24.58 15.15 14.09
C GLY B 316 -24.30 15.52 12.65
N PHE B 317 -24.17 16.82 12.37
CA PHE B 317 -24.04 17.33 10.99
C PHE B 317 -25.04 16.71 10.01
N GLN B 318 -26.28 16.58 10.49
CA GLN B 318 -27.39 16.07 9.71
C GLN B 318 -27.16 14.65 9.19
N GLY B 319 -26.33 13.87 9.91
CA GLY B 319 -25.96 12.51 9.45
C GLY B 319 -25.14 12.45 8.15
N GLN B 320 -24.52 13.59 7.79
CA GLN B 320 -23.71 13.67 6.55
C GLN B 320 -22.25 13.36 6.86
N LYS B 321 -22.04 12.18 7.45
CA LYS B 321 -20.70 11.74 7.87
C LYS B 321 -20.51 10.31 7.46
N CYS B 322 -19.29 9.98 7.04
CA CYS B 322 -18.93 8.59 6.68
C CYS B 322 -18.97 7.66 7.90
N SER B 323 -18.91 8.30 9.08
CA SER B 323 -18.97 7.64 10.40
C SER B 323 -20.34 7.63 11.09
N ALA B 324 -21.32 8.34 10.52
CA ALA B 324 -22.67 8.39 11.10
C ALA B 324 -23.32 7.04 11.39
N ALA B 325 -24.01 6.93 12.52
CA ALA B 325 -24.84 5.76 12.80
C ALA B 325 -26.06 5.86 11.90
N SER B 326 -26.13 4.99 10.89
CA SER B 326 -27.31 4.92 10.01
C SER B 326 -28.14 3.66 10.28
N ARG B 327 -27.62 2.77 11.13
CA ARG B 327 -28.37 1.58 11.53
C ARG B 327 -28.34 1.50 13.03
N LEU B 328 -29.45 1.05 13.60
CA LEU B 328 -29.52 0.87 15.06
C LEU B 328 -30.05 -0.55 15.27
N ILE B 329 -29.17 -1.44 15.74
CA ILE B 329 -29.48 -2.87 15.84
C ILE B 329 -29.76 -3.16 17.30
N LEU B 330 -30.98 -3.55 17.62
CA LEU B 330 -31.39 -3.67 19.02
C LEU B 330 -31.80 -5.10 19.28
N THR B 331 -31.26 -5.71 20.34
CA THR B 331 -31.69 -7.07 20.69
C THR B 331 -33.11 -6.96 21.27
N GLN B 332 -33.79 -8.10 21.45
CA GLN B 332 -35.17 -8.07 21.88
C GLN B 332 -35.39 -7.33 23.19
N GLY B 333 -34.55 -7.62 24.20
CA GLY B 333 -34.62 -6.92 25.49
C GLY B 333 -34.36 -5.42 25.44
N ALA B 334 -33.62 -4.95 24.43
CA ALA B 334 -33.29 -3.54 24.34
C ALA B 334 -34.27 -2.76 23.46
N TYR B 335 -35.03 -3.48 22.63
CA TYR B 335 -35.78 -2.87 21.54
C TYR B 335 -36.72 -1.74 21.99
N GLU B 336 -37.71 -2.04 22.82
CA GLU B 336 -38.68 -0.99 23.14
C GLU B 336 -38.05 0.09 24.02
N PRO B 337 -37.31 -0.28 25.08
CA PRO B 337 -36.77 0.80 25.91
C PRO B 337 -35.85 1.76 25.12
N VAL B 338 -35.01 1.23 24.23
CA VAL B 338 -34.06 2.10 23.53
C VAL B 338 -34.77 2.86 22.42
N LEU B 339 -35.62 2.19 21.64
CA LEU B 339 -36.37 2.87 20.58
C LEU B 339 -37.20 4.03 21.16
N GLU B 340 -37.85 3.79 22.30
CA GLU B 340 -38.67 4.85 22.94
C GLU B 340 -37.84 6.09 23.30
N ARG B 341 -36.68 5.85 23.93
CA ARG B 341 -35.75 6.92 24.32
C ARG B 341 -35.16 7.67 23.13
N VAL B 342 -34.81 6.95 22.07
CA VAL B 342 -34.26 7.60 20.86
C VAL B 342 -35.33 8.51 20.24
N LEU B 343 -36.56 7.99 20.15
CA LEU B 343 -37.63 8.81 19.57
C LEU B 343 -37.89 10.06 20.40
N LYS B 344 -37.94 9.93 21.73
CA LYS B 344 -38.19 11.09 22.60
C LYS B 344 -37.06 12.12 22.48
N ARG B 345 -35.81 11.67 22.44
CA ARG B 345 -34.68 12.58 22.23
C ARG B 345 -34.68 13.21 20.85
N ALA B 346 -34.87 12.39 19.83
CA ALA B 346 -34.79 12.86 18.44
C ALA B 346 -35.91 13.85 18.14
N GLU B 347 -37.08 13.65 18.76
CA GLU B 347 -38.22 14.54 18.53
C GLU B 347 -38.00 15.96 19.07
N ARG B 348 -37.05 16.12 19.99
CA ARG B 348 -36.71 17.42 20.57
C ARG B 348 -35.57 18.17 19.85
N LEU B 349 -34.97 17.57 18.81
CA LEU B 349 -33.91 18.22 18.07
C LEU B 349 -34.41 19.44 17.31
N SER B 350 -33.70 20.55 17.42
CA SER B 350 -34.03 21.71 16.61
C SER B 350 -33.42 21.60 15.23
N VAL B 351 -34.09 22.19 14.25
CA VAL B 351 -33.57 22.23 12.91
C VAL B 351 -33.69 23.69 12.43
N GLY B 352 -32.61 24.27 11.94
CA GLY B 352 -32.74 25.61 11.38
C GLY B 352 -31.48 26.11 10.71
N PRO B 353 -31.44 27.42 10.38
CA PRO B 353 -30.21 28.02 9.86
C PRO B 353 -29.04 27.73 10.79
N ALA B 354 -27.94 27.22 10.21
CA ALA B 354 -26.75 26.79 10.94
C ALA B 354 -26.13 27.86 11.82
N GLU B 355 -26.15 29.11 11.37
CA GLU B 355 -25.58 30.21 12.18
C GLU B 355 -26.28 30.40 13.54
N GLU B 356 -27.49 29.88 13.68
CA GLU B 356 -28.18 29.95 14.97
C GLU B 356 -27.82 28.82 15.92
N ASN B 357 -26.86 27.98 15.52
CA ASN B 357 -26.45 26.83 16.30
C ASN B 357 -27.61 25.90 16.67
N PRO B 358 -28.39 25.47 15.65
CA PRO B 358 -29.45 24.49 15.90
C PRO B 358 -28.78 23.15 16.15
N ASP B 359 -29.55 22.13 16.56
CA ASP B 359 -29.02 20.78 16.63
C ASP B 359 -28.69 20.29 15.21
N LEU B 360 -29.55 20.65 14.26
CA LEU B 360 -29.32 20.36 12.84
C LEU B 360 -29.46 21.58 11.95
N GLY B 361 -28.47 21.78 11.09
CA GLY B 361 -28.63 22.71 9.98
C GLY B 361 -29.33 22.03 8.82
N PRO B 362 -29.20 22.59 7.61
CA PRO B 362 -29.73 21.99 6.38
C PRO B 362 -28.82 20.90 5.86
N VAL B 363 -29.28 20.09 4.89
CA VAL B 363 -28.32 19.27 4.18
C VAL B 363 -27.61 20.20 3.20
N VAL B 364 -26.56 19.73 2.53
CA VAL B 364 -25.56 20.65 1.96
C VAL B 364 -25.97 21.33 0.67
N SER B 365 -26.87 20.69 -0.09
CA SER B 365 -27.22 21.17 -1.43
C SER B 365 -28.57 20.63 -1.84
N ALA B 366 -29.09 21.19 -2.94
CA ALA B 366 -30.35 20.71 -3.52
C ALA B 366 -30.25 19.29 -4.01
N GLU B 367 -29.06 18.93 -4.54
CA GLU B 367 -28.85 17.55 -4.96
C GLU B 367 -28.85 16.59 -3.79
N GLN B 368 -28.19 16.97 -2.70
CA GLN B 368 -28.25 16.12 -1.51
C GLN B 368 -29.67 15.97 -0.99
N GLU B 369 -30.43 17.07 -1.01
CA GLU B 369 -31.79 17.04 -0.56
C GLU B 369 -32.57 16.02 -1.38
N ARG B 370 -32.38 16.07 -2.69
CA ARG B 370 -33.03 15.13 -3.61
C ARG B 370 -32.72 13.67 -3.26
N LYS B 371 -31.44 13.38 -3.06
CA LYS B 371 -30.99 12.03 -2.74
C LYS B 371 -31.61 11.54 -1.42
N VAL B 372 -31.56 12.38 -0.38
CA VAL B 372 -32.09 11.98 0.93
C VAL B 372 -33.60 11.72 0.90
N LEU B 373 -34.36 12.65 0.29
CA LEU B 373 -35.81 12.48 0.14
C LEU B 373 -36.20 11.29 -0.75
N SER B 374 -35.38 10.99 -1.77
CA SER B 374 -35.57 9.77 -2.56
C SER B 374 -35.44 8.51 -1.71
N TYR B 375 -34.43 8.48 -0.83
CA TYR B 375 -34.24 7.34 0.07
C TYR B 375 -35.34 7.21 1.11
N ILE B 376 -35.85 8.36 1.55
CA ILE B 376 -37.01 8.37 2.41
C ILE B 376 -38.20 7.69 1.69
N GLU B 377 -38.44 8.04 0.44
CA GLU B 377 -39.52 7.38 -0.30
C GLU B 377 -39.32 5.87 -0.34
N ILE B 378 -38.09 5.43 -0.62
CA ILE B 378 -37.75 3.99 -0.58
C ILE B 378 -38.00 3.39 0.80
N GLY B 379 -37.56 4.10 1.86
CA GLY B 379 -37.70 3.58 3.23
C GLY B 379 -39.17 3.34 3.59
N LYS B 380 -40.05 4.19 3.07
CA LYS B 380 -41.47 4.06 3.39
C LYS B 380 -42.06 2.73 2.88
N ASN B 381 -41.48 2.25 1.79
CA ASN B 381 -41.83 0.95 1.17
C ASN B 381 -41.21 -0.25 1.91
N GLU B 382 -40.10 -0.01 2.64
CA GLU B 382 -39.30 -1.09 3.20
C GLU B 382 -39.46 -1.30 4.70
N GLY B 383 -39.62 -0.21 5.45
CA GLY B 383 -39.81 -0.31 6.89
C GLY B 383 -40.94 0.58 7.31
N GLN B 384 -41.06 0.82 8.60
CA GLN B 384 -42.13 1.60 9.14
C GLN B 384 -41.59 2.95 9.58
N LEU B 385 -42.05 4.01 8.94
CA LEU B 385 -41.64 5.37 9.30
C LEU B 385 -42.27 5.75 10.62
N VAL B 386 -41.45 6.13 11.59
CA VAL B 386 -41.97 6.47 12.93
C VAL B 386 -41.61 7.86 13.45
N LEU B 387 -40.71 8.56 12.73
CA LEU B 387 -40.40 9.97 13.03
C LEU B 387 -39.88 10.66 11.77
N GLY B 388 -40.27 11.91 11.58
CA GLY B 388 -39.71 12.78 10.53
C GLY B 388 -40.10 12.33 9.13
N GLY B 389 -39.12 12.27 8.24
CA GLY B 389 -39.36 11.74 6.89
C GLY B 389 -39.87 12.79 5.93
N LYS B 390 -39.55 14.05 6.20
CA LYS B 390 -40.01 15.14 5.33
C LYS B 390 -39.13 16.37 5.38
N ARG B 391 -39.28 17.18 4.35
CA ARG B 391 -38.64 18.47 4.24
C ARG B 391 -39.33 19.44 5.22
N LEU B 392 -38.58 20.37 5.79
CA LEU B 392 -39.15 21.35 6.69
C LEU B 392 -39.16 22.67 5.97
N GLU B 393 -40.05 23.58 6.39
CA GLU B 393 -40.25 24.87 5.73
C GLU B 393 -39.00 25.74 5.71
N GLY B 394 -38.84 26.48 4.63
CA GLY B 394 -37.74 27.42 4.47
C GLY B 394 -37.03 27.17 3.16
N GLU B 395 -36.43 28.19 2.56
CA GLU B 395 -35.68 27.96 1.32
C GLU B 395 -34.50 27.02 1.56
N GLY B 396 -33.89 27.11 2.74
CA GLY B 396 -32.77 26.21 3.12
C GLY B 396 -33.13 24.74 3.07
N TYR B 397 -32.13 23.87 2.93
CA TYR B 397 -32.41 22.46 2.64
C TYR B 397 -32.61 21.64 3.91
N PHE B 398 -33.67 22.00 4.63
CA PHE B 398 -33.93 21.46 5.95
C PHE B 398 -34.73 20.18 5.85
N ILE B 399 -34.18 19.10 6.40
CA ILE B 399 -34.87 17.82 6.50
C ILE B 399 -35.02 17.40 7.97
N ALA B 400 -36.18 16.84 8.33
CA ALA B 400 -36.40 16.36 9.69
C ALA B 400 -35.57 15.12 10.06
N PRO B 401 -35.05 15.03 11.32
CA PRO B 401 -34.55 13.75 11.82
C PRO B 401 -35.58 12.66 11.52
N THR B 402 -35.14 11.58 10.88
CA THR B 402 -36.01 10.50 10.43
C THR B 402 -35.60 9.17 11.01
N VAL B 403 -36.59 8.33 11.37
CA VAL B 403 -36.36 7.01 11.92
C VAL B 403 -37.35 6.08 11.27
N PHE B 404 -36.83 5.02 10.65
CA PHE B 404 -37.65 3.90 10.19
C PHE B 404 -37.43 2.77 11.17
N THR B 405 -38.50 2.05 11.53
CA THR B 405 -38.32 0.85 12.34
C THR B 405 -38.75 -0.42 11.58
N GLU B 406 -38.64 -1.56 12.27
CA GLU B 406 -38.82 -2.87 11.65
C GLU B 406 -38.25 -2.93 10.21
N VAL B 407 -37.00 -2.48 10.07
CA VAL B 407 -36.33 -2.53 8.78
C VAL B 407 -35.62 -3.87 8.57
N PRO B 408 -35.88 -4.55 7.43
CA PRO B 408 -35.16 -5.79 7.16
C PRO B 408 -33.67 -5.50 6.98
N PRO B 409 -32.79 -6.36 7.51
CA PRO B 409 -31.34 -6.20 7.38
C PRO B 409 -30.89 -5.98 5.93
N LYS B 410 -31.58 -6.57 4.96
CA LYS B 410 -31.16 -6.48 3.56
C LYS B 410 -31.92 -5.45 2.72
N ALA B 411 -32.75 -4.65 3.39
CA ALA B 411 -33.45 -3.56 2.72
C ALA B 411 -32.42 -2.58 2.18
N ARG B 412 -32.80 -1.87 1.10
CA ARG B 412 -31.93 -0.81 0.57
C ARG B 412 -31.52 0.28 1.57
N ILE B 413 -32.41 0.66 2.47
CA ILE B 413 -32.08 1.70 3.48
C ILE B 413 -31.24 1.15 4.65
N ALA B 414 -31.11 -0.18 4.75
CA ALA B 414 -30.21 -0.82 5.72
C ALA B 414 -28.90 -1.26 5.08
N GLN B 415 -28.74 -0.99 3.77
CA GLN B 415 -27.54 -1.35 3.00
C GLN B 415 -26.80 -0.20 2.33
N GLU B 416 -27.55 0.78 1.81
CA GLU B 416 -26.97 1.86 1.01
C GLU B 416 -26.74 3.13 1.85
N GLU B 417 -25.70 3.87 1.50
CA GLU B 417 -25.31 5.02 2.29
C GLU B 417 -26.12 6.24 1.86
N ILE B 418 -26.97 6.72 2.77
CA ILE B 418 -27.90 7.81 2.46
C ILE B 418 -27.23 9.15 2.66
N PHE B 419 -26.37 9.23 3.67
CA PHE B 419 -25.64 10.45 3.99
C PHE B 419 -26.59 11.61 4.35
N GLY B 420 -27.57 11.33 5.19
CA GLY B 420 -28.52 12.35 5.63
C GLY B 420 -29.09 11.88 6.95
N PRO B 421 -30.04 12.66 7.52
CA PRO B 421 -30.49 12.37 8.88
C PRO B 421 -31.54 11.25 8.94
N VAL B 422 -31.16 10.04 8.52
CA VAL B 422 -32.09 8.90 8.40
C VAL B 422 -31.56 7.67 9.13
N LEU B 423 -32.22 7.27 10.21
CA LEU B 423 -31.76 6.10 11.00
C LEU B 423 -32.67 4.91 10.75
N SER B 424 -32.08 3.75 10.47
CA SER B 424 -32.84 2.51 10.25
C SER B 424 -32.67 1.61 11.47
N VAL B 425 -33.78 1.19 12.06
CA VAL B 425 -33.73 0.43 13.32
C VAL B 425 -34.08 -1.01 12.94
N ILE B 426 -33.20 -1.94 13.33
CA ILE B 426 -33.31 -3.37 13.01
C ILE B 426 -33.44 -4.17 14.32
N ARG B 427 -34.52 -4.93 14.47
CA ARG B 427 -34.70 -5.68 15.72
C ARG B 427 -34.13 -7.08 15.52
N VAL B 428 -33.31 -7.53 16.48
CA VAL B 428 -32.79 -8.88 16.42
C VAL B 428 -33.01 -9.60 17.75
N LYS B 429 -32.74 -10.91 17.78
CA LYS B 429 -33.04 -11.68 18.99
C LYS B 429 -31.99 -11.43 20.07
N ASP B 430 -30.73 -11.58 19.70
CA ASP B 430 -29.68 -11.54 20.68
C ASP B 430 -28.43 -10.97 20.08
N PHE B 431 -27.37 -10.95 20.88
CA PHE B 431 -26.13 -10.30 20.50
C PHE B 431 -25.45 -10.99 19.33
N ALA B 432 -25.52 -12.32 19.27
CA ALA B 432 -24.95 -13.07 18.14
C ALA B 432 -25.57 -12.62 16.81
N GLU B 433 -26.91 -12.51 16.81
CA GLU B 433 -27.66 -12.08 15.64
C GLU B 433 -27.31 -10.62 15.32
N ALA B 434 -27.18 -9.79 16.37
CA ALA B 434 -26.79 -8.39 16.22
C ALA B 434 -25.45 -8.28 15.50
N LEU B 435 -24.48 -9.10 15.90
CA LEU B 435 -23.18 -9.07 15.20
C LEU B 435 -23.26 -9.52 13.75
N GLU B 436 -24.00 -10.61 13.50
CA GLU B 436 -24.25 -11.02 12.11
C GLU B 436 -24.80 -9.88 11.28
N VAL B 437 -25.86 -9.25 11.75
CA VAL B 437 -26.51 -8.14 11.02
C VAL B 437 -25.56 -6.95 10.84
N ALA B 438 -24.76 -6.66 11.87
CA ALA B 438 -23.77 -5.57 11.84
C ALA B 438 -22.76 -5.79 10.72
N ASN B 439 -22.24 -7.01 10.63
CA ASN B 439 -21.24 -7.34 9.60
C ASN B 439 -21.76 -7.50 8.19
N ASP B 440 -23.05 -7.79 8.06
CA ASP B 440 -23.63 -8.14 6.76
C ASP B 440 -24.00 -6.91 5.91
N THR B 441 -22.98 -6.11 5.61
CA THR B 441 -23.05 -5.04 4.62
C THR B 441 -21.74 -5.11 3.84
N PRO B 442 -21.64 -4.39 2.72
CA PRO B 442 -20.39 -4.30 2.00
C PRO B 442 -19.34 -3.40 2.68
N TYR B 443 -19.72 -2.70 3.77
CA TYR B 443 -18.90 -1.62 4.33
C TYR B 443 -18.19 -2.09 5.59
N GLY B 444 -17.35 -1.24 6.15
CA GLY B 444 -16.67 -1.63 7.38
C GLY B 444 -15.95 -0.47 8.02
N LEU B 445 -16.62 0.68 8.13
CA LEU B 445 -15.95 1.90 8.62
C LEU B 445 -16.03 2.09 10.14
N THR B 446 -17.19 2.54 10.62
CA THR B 446 -17.37 2.69 12.06
C THR B 446 -18.47 1.80 12.59
N GLY B 447 -18.49 1.64 13.90
CA GLY B 447 -19.51 0.81 14.52
C GLY B 447 -19.44 1.01 16.00
N GLY B 448 -20.54 0.73 16.68
CA GLY B 448 -20.60 0.91 18.11
C GLY B 448 -21.36 -0.17 18.84
N VAL B 449 -21.04 -0.35 20.12
CA VAL B 449 -21.80 -1.30 20.96
C VAL B 449 -22.10 -0.62 22.29
N TYR B 450 -23.38 -0.59 22.69
CA TYR B 450 -23.70 -0.24 24.08
C TYR B 450 -24.10 -1.53 24.81
N SER B 451 -23.37 -1.85 25.87
CA SER B 451 -23.58 -3.06 26.66
C SER B 451 -22.72 -2.94 27.91
N ARG B 452 -23.21 -3.50 29.01
CA ARG B 452 -22.33 -3.70 30.16
C ARG B 452 -21.67 -5.06 30.23
N LYS B 453 -22.08 -5.99 29.39
CA LYS B 453 -21.56 -7.34 29.45
C LYS B 453 -20.16 -7.39 28.80
N ARG B 454 -19.15 -7.64 29.63
CA ARG B 454 -17.76 -7.64 29.16
C ARG B 454 -17.57 -8.63 28.02
N GLU B 455 -18.15 -9.83 28.16
CA GLU B 455 -18.00 -10.86 27.11
C GLU B 455 -18.51 -10.43 25.74
N HIS B 456 -19.55 -9.63 25.73
CA HIS B 456 -20.10 -9.09 24.48
C HIS B 456 -19.18 -8.02 23.88
N LEU B 457 -18.68 -7.09 24.71
CA LEU B 457 -17.76 -6.07 24.24
C LEU B 457 -16.50 -6.70 23.67
N GLU B 458 -15.89 -7.65 24.40
CA GLU B 458 -14.67 -8.30 23.93
C GLU B 458 -14.92 -9.18 22.68
N TRP B 459 -16.09 -9.81 22.59
CA TRP B 459 -16.51 -10.49 21.36
C TRP B 459 -16.55 -9.51 20.18
N ALA B 460 -17.16 -8.35 20.37
CA ALA B 460 -17.20 -7.28 19.33
C ALA B 460 -15.83 -6.80 18.98
N ARG B 461 -14.98 -6.61 20.00
CA ARG B 461 -13.60 -6.19 19.76
C ARG B 461 -12.92 -7.10 18.71
N ARG B 462 -13.17 -8.42 18.80
CA ARG B 462 -12.59 -9.41 17.88
C ARG B 462 -13.35 -9.54 16.57
N GLU B 463 -14.67 -9.34 16.58
CA GLU B 463 -15.49 -9.83 15.44
C GLU B 463 -16.45 -8.86 14.75
N PHE B 464 -16.61 -7.65 15.32
CA PHE B 464 -17.42 -6.61 14.68
C PHE B 464 -16.46 -5.95 13.71
N HIS B 465 -16.55 -6.34 12.45
CA HIS B 465 -15.49 -6.04 11.46
C HIS B 465 -15.58 -4.62 10.88
N VAL B 466 -15.17 -3.65 11.69
CA VAL B 466 -15.13 -2.24 11.28
C VAL B 466 -13.77 -1.66 11.72
N GLY B 467 -13.25 -0.69 10.98
CA GLY B 467 -11.93 -0.15 11.30
C GLY B 467 -11.89 0.71 12.56
N ASN B 468 -13.05 1.27 12.90
CA ASN B 468 -13.17 2.13 14.05
C ASN B 468 -14.37 1.75 14.88
N LEU B 469 -14.10 1.09 16.02
CA LEU B 469 -15.14 0.57 16.87
C LEU B 469 -15.17 1.28 18.23
N TYR B 470 -16.36 1.52 18.76
CA TYR B 470 -16.52 2.35 19.97
C TYR B 470 -17.50 1.70 20.91
N PHE B 471 -17.13 1.59 22.18
CA PHE B 471 -18.01 0.97 23.19
C PHE B 471 -18.52 2.04 24.15
N ASN B 472 -19.86 2.11 24.29
CA ASN B 472 -20.54 2.97 25.26
C ASN B 472 -20.27 4.47 25.08
N ARG B 473 -20.20 4.87 23.82
CA ARG B 473 -19.99 6.25 23.40
C ARG B 473 -20.33 6.39 21.92
N LYS B 474 -20.34 7.63 21.44
CA LYS B 474 -20.73 7.93 20.06
C LYS B 474 -19.71 7.32 19.11
N ILE B 475 -20.12 7.05 17.87
CA ILE B 475 -19.21 6.41 16.89
C ILE B 475 -18.63 7.41 15.89
N THR B 476 -18.91 8.69 16.08
CA THR B 476 -18.42 9.72 15.19
C THR B 476 -17.31 10.48 15.93
N GLY B 477 -16.63 11.39 15.23
CA GLY B 477 -15.70 12.32 15.88
C GLY B 477 -14.38 11.72 16.33
N ALA B 478 -13.86 10.78 15.54
CA ALA B 478 -12.57 10.16 15.80
C ALA B 478 -11.54 11.26 15.89
N LEU B 479 -10.74 11.24 16.95
CA LEU B 479 -9.73 12.26 17.19
C LEU B 479 -8.37 11.88 16.59
N VAL B 480 -7.72 12.84 15.92
CA VAL B 480 -6.38 12.65 15.40
C VAL B 480 -5.47 12.11 16.49
N GLY B 481 -4.69 11.07 16.19
CA GLY B 481 -3.66 10.57 17.13
C GLY B 481 -4.29 9.49 18.03
N VAL B 482 -5.51 9.77 18.48
CA VAL B 482 -6.20 8.91 19.46
C VAL B 482 -6.83 7.69 18.80
N GLN B 483 -7.62 7.94 17.76
CA GLN B 483 -8.30 6.87 17.03
C GLN B 483 -7.94 6.85 15.54
N PRO B 484 -6.85 6.16 15.16
CA PRO B 484 -6.47 6.06 13.75
C PRO B 484 -7.72 5.79 12.93
N PHE B 485 -7.95 6.56 11.86
CA PHE B 485 -9.26 6.52 11.19
C PHE B 485 -9.23 5.97 9.76
N GLY B 486 -9.99 4.90 9.52
CA GLY B 486 -9.92 4.23 8.22
C GLY B 486 -10.60 2.90 8.35
N GLY B 487 -11.17 2.41 7.24
CA GLY B 487 -12.07 1.26 7.34
C GLY B 487 -11.63 -0.01 6.64
N PHE B 488 -12.54 -0.99 6.58
CA PHE B 488 -12.29 -2.27 5.93
C PHE B 488 -13.30 -2.42 4.81
N LYS B 489 -13.08 -3.41 3.95
CA LYS B 489 -14.08 -3.81 2.96
C LYS B 489 -14.32 -2.65 2.01
N LEU B 490 -15.56 -2.34 1.64
CA LEU B 490 -15.78 -1.25 0.68
C LEU B 490 -15.83 0.16 1.30
N SER B 491 -15.39 0.26 2.55
CA SER B 491 -15.12 1.56 3.15
C SER B 491 -13.76 2.09 2.75
N GLY B 492 -12.98 1.30 2.01
CA GLY B 492 -11.74 1.86 1.42
C GLY B 492 -10.51 1.02 1.64
N THR B 493 -9.34 1.67 1.56
CA THR B 493 -8.08 0.97 1.57
C THR B 493 -7.40 0.89 2.96
N ASN B 494 -8.13 1.28 4.01
CA ASN B 494 -7.59 1.26 5.39
C ASN B 494 -6.33 2.14 5.55
N ALA B 495 -6.32 3.27 4.83
CA ALA B 495 -5.31 4.30 5.04
C ALA B 495 -5.65 5.07 6.32
N LYS B 496 -4.95 4.76 7.41
CA LYS B 496 -5.36 5.27 8.71
C LYS B 496 -4.87 6.69 8.94
N THR B 497 -5.80 7.64 8.83
CA THR B 497 -5.50 9.05 9.07
C THR B 497 -5.26 9.30 10.54
N GLY B 498 -4.43 10.29 10.84
CA GLY B 498 -4.16 10.63 12.25
C GLY B 498 -3.39 9.56 12.98
N ALA B 499 -2.50 8.87 12.24
CA ALA B 499 -1.70 7.74 12.75
C ALA B 499 -0.34 7.76 12.09
N LEU B 500 0.67 7.26 12.79
CA LEU B 500 2.03 7.17 12.21
C LEU B 500 2.07 6.48 10.86
N ASP B 501 1.31 5.38 10.74
CA ASP B 501 1.26 4.61 9.50
C ASP B 501 0.78 5.43 8.28
N TYR B 502 0.07 6.54 8.49
CA TYR B 502 -0.47 7.26 7.32
C TYR B 502 0.68 7.76 6.42
N LEU B 503 1.73 8.28 7.03
CA LEU B 503 2.78 8.95 6.25
C LEU B 503 3.63 7.96 5.43
N ARG B 504 3.66 6.70 5.89
CA ARG B 504 4.42 5.64 5.23
C ARG B 504 3.84 5.39 3.85
N LEU B 505 2.53 5.62 3.69
CA LEU B 505 1.83 5.47 2.41
C LEU B 505 2.40 6.38 1.34
N PHE B 506 3.03 7.46 1.77
CA PHE B 506 3.53 8.49 0.83
C PHE B 506 5.03 8.51 0.70
N LEU B 507 5.64 7.38 1.06
CA LEU B 507 7.08 7.20 1.05
C LEU B 507 7.46 5.91 0.32
N GLU B 508 8.63 5.90 -0.30
CA GLU B 508 9.24 4.65 -0.74
C GLU B 508 10.62 4.55 -0.07
N MET B 509 11.20 3.36 -0.06
CA MET B 509 12.43 3.10 0.68
C MET B 509 13.59 2.71 -0.24
N LYS B 510 14.76 3.29 0.03
CA LYS B 510 15.98 2.99 -0.69
C LYS B 510 16.95 2.37 0.29
N ALA B 511 17.71 1.36 -0.17
CA ALA B 511 18.74 0.66 0.62
C ALA B 511 20.07 0.86 -0.10
N VAL B 512 21.02 1.51 0.58
CA VAL B 512 22.29 1.85 -0.01
C VAL B 512 23.46 1.23 0.78
N ALA B 513 24.22 0.36 0.13
CA ALA B 513 25.32 -0.35 0.79
C ALA B 513 26.65 0.19 0.28
N GLU B 514 27.60 0.45 1.18
CA GLU B 514 28.95 0.74 0.73
C GLU B 514 29.92 -0.30 1.32
N ARG B 515 30.68 -0.98 0.47
CA ARG B 515 31.67 -1.93 0.96
C ARG B 515 32.96 -1.17 1.02
N PHE B 516 33.58 -1.11 2.22
CA PHE B 516 34.77 -0.26 2.39
C PHE B 516 36.10 -0.87 1.98
C ACT C . 16.68 8.57 -4.72
O ACT C . 15.69 8.98 -5.35
OXT ACT C . 17.39 7.75 -5.35
CH3 ACT C . 16.99 9.06 -3.33
NA NA D . 13.03 -27.49 -14.76
N PRO E . 17.85 -11.30 -3.61
CA PRO E . 18.31 -11.58 -4.97
C PRO E . 19.40 -10.60 -5.42
O PRO E . 19.51 -9.46 -4.95
CB PRO E . 17.05 -11.39 -5.84
CG PRO E . 15.92 -11.14 -4.88
CD PRO E . 16.57 -10.58 -3.64
OXT PRO E . 20.19 -10.97 -6.29
C1 MPD F . 30.68 -17.32 -11.61
C2 MPD F . 30.64 -15.80 -11.53
O2 MPD F . 29.87 -15.43 -10.34
CM MPD F . 29.92 -15.27 -12.76
C3 MPD F . 32.05 -15.23 -11.43
C4 MPD F . 32.90 -16.09 -10.49
O4 MPD F . 32.67 -15.70 -9.15
C5 MPD F . 34.38 -16.02 -10.86
C1 MPD G . -1.56 -12.64 -16.35
C2 MPD G . -2.45 -13.28 -15.30
O2 MPD G . -3.21 -14.38 -15.86
CM MPD G . -3.45 -12.23 -14.86
C3 MPD G . -1.66 -13.83 -14.11
C4 MPD G . -0.79 -15.08 -14.39
O4 MPD G . -1.59 -16.22 -14.68
C5 MPD G . 0.06 -15.40 -13.18
C1 MPD H . 6.04 -4.75 -20.54
C2 MPD H . 7.03 -4.84 -21.69
O2 MPD H . 7.06 -6.22 -22.14
CM MPD H . 6.55 -3.95 -22.85
C3 MPD H . 8.44 -4.45 -21.24
C4 MPD H . 9.46 -4.24 -22.39
O4 MPD H . 10.64 -3.69 -21.83
C5 MPD H . 9.82 -5.52 -23.13
C1 MPD I . 3.50 11.77 16.18
C2 MPD I . 3.21 11.95 17.66
O2 MPD I . 4.34 12.57 18.31
CM MPD I . 2.07 12.95 17.77
C3 MPD I . 2.90 10.55 18.19
C4 MPD I . 2.77 10.33 19.68
O4 MPD I . 2.35 9.00 19.83
C5 MPD I . 4.10 10.50 20.43
C1 MPD J . 4.87 -0.37 12.89
C2 MPD J . 5.30 -1.09 14.16
O2 MPD J . 5.89 -0.13 15.08
CM MPD J . 4.07 -1.69 14.84
C3 MPD J . 6.31 -2.19 13.89
C4 MPD J . 7.50 -1.81 13.00
O4 MPD J . 8.12 -0.61 13.43
C5 MPD J . 8.52 -2.95 13.00
C ACT K . -11.85 -7.73 13.30
O ACT K . -12.79 -6.94 13.35
OXT ACT K . -11.80 -8.39 12.25
CH3 ACT K . -10.85 -7.92 14.42
NA NA L . -22.14 25.77 -0.26
N PRO M . -13.11 12.14 11.84
CA PRO M . -14.54 12.34 11.58
C PRO M . -15.40 11.27 12.29
O PRO M . -14.90 10.23 12.75
CB PRO M . -14.65 12.20 10.05
CG PRO M . -13.31 11.66 9.59
CD PRO M . -12.51 11.29 10.80
OXT PRO M . -16.61 11.50 12.40
C1 MPD N . 16.30 -6.72 15.22
C2 MPD N . 16.14 -6.79 13.70
O2 MPD N . 16.30 -5.49 13.11
CM MPD N . 17.21 -7.70 13.15
C3 MPD N . 14.73 -7.18 13.27
C4 MPD N . 14.44 -8.66 13.39
O4 MPD N . 14.52 -9.06 14.73
C5 MPD N . 13.01 -8.82 12.92
C1 MPD O . 10.22 3.44 12.87
C2 MPD O . 9.54 3.90 11.58
O2 MPD O . 8.77 2.80 11.03
CM MPD O . 10.58 4.27 10.54
C3 MPD O . 8.62 5.11 11.83
C4 MPD O . 7.60 4.94 12.95
O4 MPD O . 6.96 3.68 12.85
C5 MPD O . 6.53 6.01 12.89
C1 MPD P . -13.47 11.19 -12.75
C2 MPD P . -13.18 10.29 -11.57
O2 MPD P . -14.37 9.48 -11.39
CM MPD P . -12.03 9.33 -11.86
C3 MPD P . -12.95 11.01 -10.23
C4 MPD P . -12.74 12.53 -10.19
O4 MPD P . -13.50 13.22 -11.17
C5 MPD P . -13.11 13.08 -8.81
C1 MPD Q . -30.50 34.88 7.54
C2 MPD Q . -31.69 34.56 8.44
O2 MPD Q . -31.87 33.12 8.52
CM MPD Q . -32.97 35.08 7.80
C3 MPD Q . -31.46 35.16 9.82
C4 MPD Q . -30.43 34.42 10.70
O4 MPD Q . -30.65 33.02 10.70
C5 MPD Q . -30.47 34.90 12.15
C1 MPD R . -27.66 15.52 18.85
C2 MPD R . -26.89 16.51 17.98
O2 MPD R . -25.46 16.26 18.06
CM MPD R . -27.37 16.36 16.55
C3 MPD R . -27.19 17.93 18.45
C4 MPD R . -26.18 18.46 19.46
O4 MPD R . -26.22 19.86 19.47
C5 MPD R . -26.47 17.91 20.87
#